data_4Y5U
#
_entry.id   4Y5U
#
_cell.length_a   66.152
_cell.length_b   94.322
_cell.length_c   179.362
_cell.angle_alpha   90.00
_cell.angle_beta   90.00
_cell.angle_gamma   90.00
#
_symmetry.space_group_name_H-M   'P 21 21 21'
#
loop_
_entity.id
_entity.type
_entity.pdbx_description
1 polymer 'Signal transducer and activator of transcription 6'
2 non-polymer 'NICKEL (II) ION'
3 water water
#
_entity_poly.entity_id   1
_entity_poly.type   'polypeptide(L)'
_entity_poly.pdbx_seq_one_letter_code
;SNAQFRHLPMPFHWKQEELKFKTGLRRLQHRVGEIHLLREALQKGAEAGQVSLHSLIETPANGTGPSEALAMLLQETTGE
LEAAKALVLKRIQIWKRQQQLAGNGAPFEESLAPLQERCESLVDIYSQLQQEVGAAGGELEPKTRASLTGRLDEVLRTLV
TSCFLVEKQPPQVLKTQTKFQAGVRFLLGLRFLGAPAKPPLVRADMVTEKQARELSVPQGPGAGAESTGEIINNTVPLEN
SIPGNCCSALFKNLLLKKIKRCERKGTESVTEEKCAVLFSASFTLGPGKLPIQLQALSLPLVVIVHGNQDNNAKATILWD
NAFSEMDRVPFVVAERVPWEKMCETLNLKFMAEVGTNRGLLPEHFLFLAQKIFNDNSLSMEAFQHRSVSWSQFNKEILLG
RGFTFWQWFDGVLDLTKRCLRSYWSDRLIIGFISKQYVTSLLLNEPDGTFLLRFSDSEIGGITIAHVIRGQDGSPQIENI
QPFSAKDLSIRSLGDRIRDLAQLKNLYPKKPKDEAFRSHYKPEQMGKDGRG(PTR)VPATIKMTVERDQPLPT
;
_entity_poly.pdbx_strand_id   A,B
#
# COMPACT_ATOMS: atom_id res chain seq x y z
N PHE A 21 -38.17 11.17 34.39
CA PHE A 21 -37.79 11.08 33.01
C PHE A 21 -38.41 12.29 32.39
N LYS A 22 -39.06 12.10 31.26
CA LYS A 22 -39.77 13.10 30.50
C LYS A 22 -40.97 13.59 31.22
N THR A 23 -41.40 12.81 32.17
CA THR A 23 -42.61 13.14 32.85
C THR A 23 -42.37 14.46 33.51
N GLY A 24 -41.16 14.62 33.99
CA GLY A 24 -40.81 15.80 34.73
C GLY A 24 -40.92 16.97 33.86
N LEU A 25 -40.52 16.77 32.63
CA LEU A 25 -40.50 17.83 31.70
C LEU A 25 -41.86 18.33 31.39
N ARG A 26 -42.84 17.46 31.28
CA ARG A 26 -44.19 17.90 31.02
C ARG A 26 -44.69 18.73 32.17
N ARG A 27 -44.39 18.27 33.35
CA ARG A 27 -44.82 18.89 34.55
C ARG A 27 -44.22 20.27 34.68
N LEU A 28 -42.97 20.42 34.30
CA LEU A 28 -42.33 21.72 34.25
C LEU A 28 -42.97 22.63 33.27
N GLN A 29 -43.27 22.12 32.11
CA GLN A 29 -43.79 22.94 31.08
C GLN A 29 -45.13 23.49 31.46
N HIS A 30 -45.88 22.71 32.22
CA HIS A 30 -47.16 23.12 32.81
C HIS A 30 -47.11 24.23 33.86
N ARG A 31 -46.22 24.10 34.80
CA ARG A 31 -45.98 25.08 35.80
C ARG A 31 -45.48 26.39 35.33
N VAL A 32 -44.70 26.38 34.31
CA VAL A 32 -44.23 27.58 33.73
C VAL A 32 -45.37 28.36 33.10
N GLY A 33 -46.34 27.67 32.57
CA GLY A 33 -47.57 28.27 32.17
C GLY A 33 -48.36 28.83 33.32
N GLU A 34 -48.37 28.14 34.43
CA GLU A 34 -49.12 28.52 35.58
C GLU A 34 -48.65 29.87 36.06
N ILE A 35 -47.37 30.14 35.98
CA ILE A 35 -46.80 31.36 36.46
C ILE A 35 -47.13 32.55 35.59
N HIS A 36 -47.36 32.28 34.35
CA HIS A 36 -47.66 33.32 33.44
C HIS A 36 -49.00 33.94 33.78
N LEU A 37 -49.96 33.11 34.09
CA LEU A 37 -51.27 33.56 34.46
C LEU A 37 -51.24 34.28 35.77
N LEU A 38 -50.50 33.73 36.69
CA LEU A 38 -50.30 34.29 37.97
C LEU A 38 -49.67 35.65 37.90
N ARG A 39 -48.72 35.83 37.02
CA ARG A 39 -48.04 37.08 36.95
C ARG A 39 -48.99 38.14 36.51
N GLU A 40 -50.16 37.75 36.06
CA GLU A 40 -51.18 38.72 35.81
C GLU A 40 -51.97 39.03 37.09
N ALA A 41 -51.39 39.94 37.86
CA ALA A 41 -51.94 40.51 39.04
C ALA A 41 -51.60 41.98 39.23
N LEU A 42 -51.09 42.71 38.25
CA LEU A 42 -51.12 42.45 36.84
C LEU A 42 -50.65 43.73 36.29
N LYS A 44 -46.20 42.54 38.35
CA LYS A 44 -45.85 43.47 39.41
C LYS A 44 -45.14 42.80 40.60
N GLY A 45 -45.58 41.56 40.81
CA GLY A 45 -45.09 40.77 41.90
C GLY A 45 -43.69 41.11 42.24
N ALA A 46 -43.20 42.04 41.43
CA ALA A 46 -41.82 42.39 41.29
C ALA A 46 -41.14 42.67 42.60
N GLU A 47 -40.11 41.91 42.89
CA GLU A 47 -39.35 42.14 44.09
C GLU A 47 -37.89 42.08 43.75
N LEU A 70 -48.33 28.56 44.83
CA LEU A 70 -49.53 29.29 44.50
C LEU A 70 -49.29 30.76 44.63
N ALA A 71 -48.33 31.06 45.47
CA ALA A 71 -48.10 32.35 46.02
C ALA A 71 -46.93 32.99 45.37
N MET A 72 -46.51 32.44 44.23
CA MET A 72 -45.18 32.64 43.69
C MET A 72 -44.06 32.15 44.61
N LEU A 73 -44.39 31.08 45.29
CA LEU A 73 -43.45 30.08 45.71
C LEU A 73 -43.18 29.17 44.50
N LEU A 74 -43.57 29.66 43.36
CA LEU A 74 -43.78 28.88 42.22
C LEU A 74 -42.48 28.69 41.48
N GLN A 75 -41.39 29.08 42.12
CA GLN A 75 -40.03 28.62 41.82
C GLN A 75 -39.23 28.27 43.06
N GLU A 76 -38.96 27.01 43.36
CA GLU A 76 -39.70 25.80 43.06
C GLU A 76 -39.73 25.25 41.63
N THR A 77 -40.29 25.94 40.68
CA THR A 77 -40.30 25.51 39.33
C THR A 77 -38.85 25.47 38.90
N THR A 78 -38.10 26.41 39.41
CA THR A 78 -36.67 26.54 39.24
C THR A 78 -35.77 25.48 39.85
N GLY A 79 -36.12 24.98 41.00
CA GLY A 79 -35.51 23.81 41.56
C GLY A 79 -35.79 22.62 40.74
N GLU A 80 -37.00 22.54 40.23
CA GLU A 80 -37.48 21.52 39.34
C GLU A 80 -36.76 21.49 38.04
N LEU A 81 -36.37 22.64 37.57
CA LEU A 81 -35.42 22.80 36.52
C LEU A 81 -34.01 22.36 36.84
N GLU A 82 -33.51 22.69 38.00
CA GLU A 82 -32.19 22.32 38.38
C GLU A 82 -32.06 20.83 38.43
N ALA A 83 -33.09 20.19 38.91
CA ALA A 83 -33.16 18.77 39.01
C ALA A 83 -33.18 18.07 37.70
N ALA A 84 -33.87 18.62 36.74
CA ALA A 84 -33.92 18.12 35.43
C ALA A 84 -32.55 18.21 34.79
N LYS A 85 -31.85 19.25 35.11
CA LYS A 85 -30.53 19.47 34.66
C LYS A 85 -29.57 18.44 35.20
N ALA A 86 -29.73 18.04 36.43
CA ALA A 86 -28.97 17.01 37.03
C ALA A 86 -29.22 15.70 36.38
N LEU A 87 -30.43 15.47 35.99
CA LEU A 87 -30.75 14.28 35.28
C LEU A 87 -30.12 14.13 33.93
N VAL A 88 -30.04 15.21 33.18
CA VAL A 88 -29.36 15.26 31.91
C VAL A 88 -27.86 15.10 31.96
N LEU A 89 -27.26 15.68 32.96
CA LEU A 89 -25.88 15.58 33.24
C LEU A 89 -25.43 14.19 33.56
N LYS A 90 -26.33 13.51 34.22
CA LYS A 90 -26.29 12.13 34.49
C LYS A 90 -26.43 11.27 33.27
N ARG A 91 -27.26 11.67 32.37
CA ARG A 91 -27.41 11.05 31.08
C ARG A 91 -26.26 11.22 30.11
N ILE A 92 -25.66 12.38 30.08
CA ILE A 92 -24.45 12.58 29.35
C ILE A 92 -23.36 11.67 29.91
N GLN A 93 -23.32 11.55 31.20
CA GLN A 93 -22.40 10.71 31.88
C GLN A 93 -22.55 9.26 31.58
N ILE A 94 -23.76 8.80 31.56
CA ILE A 94 -24.05 7.45 31.23
C ILE A 94 -23.65 7.15 29.82
N TRP A 95 -23.83 8.09 28.92
CA TRP A 95 -23.52 7.96 27.53
C TRP A 95 -22.04 7.83 27.26
N LYS A 96 -21.25 8.60 27.99
CA LYS A 96 -19.83 8.54 27.96
C LYS A 96 -19.24 7.25 28.41
N ARG A 97 -19.83 6.63 29.40
CA ARG A 97 -19.51 5.33 29.87
C ARG A 97 -19.76 4.27 28.87
N GLN A 98 -20.82 4.41 28.15
CA GLN A 98 -21.15 3.56 27.07
C GLN A 98 -20.19 3.59 25.89
N GLN A 99 -19.78 4.77 25.50
CA GLN A 99 -18.79 5.04 24.53
C GLN A 99 -17.38 4.60 24.90
N GLN A 100 -17.05 4.73 26.14
CA GLN A 100 -15.86 4.15 26.66
C GLN A 100 -15.86 2.65 26.65
N LEU A 101 -16.95 2.02 27.00
CA LEU A 101 -17.05 0.58 26.92
C LEU A 101 -16.98 -0.05 25.57
N ALA A 102 -17.42 0.68 24.57
CA ALA A 102 -17.46 0.38 23.14
C ALA A 102 -16.12 0.37 22.51
N GLY A 103 -15.23 1.01 23.19
CA GLY A 103 -13.82 0.99 23.07
C GLY A 103 -13.21 -0.33 23.26
N ASN A 104 -13.84 -1.19 24.01
CA ASN A 104 -13.50 -2.56 24.04
C ASN A 104 -14.45 -3.51 23.33
N GLY A 105 -15.36 -3.01 22.51
CA GLY A 105 -16.21 -3.88 21.76
C GLY A 105 -17.58 -4.20 22.26
N ALA A 106 -17.99 -3.39 23.19
CA ALA A 106 -19.33 -3.34 23.67
C ALA A 106 -20.27 -2.73 22.66
N PRO A 107 -21.53 -3.09 22.75
CA PRO A 107 -22.48 -2.76 21.72
C PRO A 107 -22.76 -1.32 21.43
N PHE A 108 -22.96 -0.45 22.39
CA PHE A 108 -23.22 0.94 22.02
C PHE A 108 -24.43 1.15 21.11
N GLU A 109 -24.20 1.69 19.93
CA GLU A 109 -25.26 2.10 19.06
C GLU A 109 -26.24 3.14 19.63
N GLU A 110 -25.67 4.20 20.18
CA GLU A 110 -26.40 5.27 20.82
C GLU A 110 -26.18 6.58 20.12
N SER A 111 -27.22 7.37 20.05
CA SER A 111 -27.21 8.64 19.41
C SER A 111 -27.32 9.76 20.38
N LEU A 112 -26.68 10.85 20.09
CA LEU A 112 -26.72 12.04 20.89
C LEU A 112 -27.87 12.92 20.64
N ALA A 113 -28.70 12.60 19.67
CA ALA A 113 -29.85 13.37 19.30
C ALA A 113 -30.95 13.49 20.32
N PRO A 114 -31.21 12.45 21.07
CA PRO A 114 -32.13 12.51 22.17
C PRO A 114 -31.72 13.41 23.30
N LEU A 115 -30.47 13.37 23.62
CA LEU A 115 -29.82 14.18 24.59
C LEU A 115 -29.81 15.61 24.20
N GLN A 116 -29.64 15.89 22.94
CA GLN A 116 -29.77 17.21 22.38
C GLN A 116 -31.14 17.80 22.48
N GLU A 117 -32.18 17.07 22.18
CA GLU A 117 -33.54 17.53 22.36
C GLU A 117 -33.89 17.77 23.78
N ARG A 118 -33.37 16.93 24.66
CA ARG A 118 -33.52 17.12 26.05
C ARG A 118 -32.87 18.38 26.55
N CYS A 119 -31.73 18.74 26.03
CA CYS A 119 -31.06 19.98 26.34
C CYS A 119 -31.77 21.17 25.79
N GLU A 120 -32.31 21.03 24.61
CA GLU A 120 -32.99 22.08 23.89
C GLU A 120 -34.22 22.54 24.59
N SER A 121 -34.94 21.60 25.15
CA SER A 121 -36.10 21.79 25.94
C SER A 121 -35.88 22.48 27.23
N LEU A 122 -34.79 22.15 27.85
CA LEU A 122 -34.40 22.73 29.09
C LEU A 122 -34.00 24.18 29.06
N VAL A 123 -33.42 24.58 27.96
CA VAL A 123 -33.07 25.91 27.61
C VAL A 123 -34.31 26.67 27.40
N ASP A 124 -35.28 26.00 26.85
CA ASP A 124 -36.55 26.60 26.57
C ASP A 124 -37.28 26.96 27.82
N ILE A 125 -37.24 26.11 28.82
CA ILE A 125 -37.75 26.45 30.10
C ILE A 125 -36.99 27.57 30.75
N TYR A 126 -35.69 27.55 30.64
CA TYR A 126 -34.86 28.54 31.27
C TYR A 126 -35.24 29.87 30.72
N SER A 127 -35.45 29.91 29.44
CA SER A 127 -35.77 31.12 28.78
C SER A 127 -37.08 31.76 29.14
N GLN A 128 -38.11 30.97 29.29
CA GLN A 128 -39.38 31.43 29.79
C GLN A 128 -39.32 31.87 31.20
N LEU A 129 -38.62 31.12 32.00
CA LEU A 129 -38.49 31.44 33.36
C LEU A 129 -37.80 32.74 33.44
N GLN A 130 -36.83 32.96 32.58
CA GLN A 130 -36.11 34.19 32.63
C GLN A 130 -36.98 35.33 32.28
N GLN A 131 -37.77 35.15 31.25
CA GLN A 131 -38.67 36.14 30.75
C GLN A 131 -39.67 36.43 31.85
N GLU A 132 -39.89 35.46 32.70
CA GLU A 132 -40.84 35.62 33.75
C GLU A 132 -40.38 36.51 34.84
N VAL A 133 -39.10 36.61 35.02
CA VAL A 133 -38.59 37.45 36.06
C VAL A 133 -38.68 38.91 35.63
N GLY A 134 -39.07 39.14 34.39
CA GLY A 134 -39.46 40.46 33.98
C GLY A 134 -40.81 40.45 33.30
N ARG A 145 -34.87 37.34 44.09
CA ARG A 145 -35.16 37.56 42.72
C ARG A 145 -33.92 37.83 41.94
N ALA A 146 -32.85 38.07 42.63
CA ALA A 146 -31.58 38.10 41.96
C ALA A 146 -30.85 36.83 42.23
N SER A 147 -31.32 36.09 43.20
CA SER A 147 -30.76 34.80 43.38
C SER A 147 -31.08 34.04 42.13
N LEU A 148 -32.34 34.16 41.78
CA LEU A 148 -32.98 33.33 40.87
C LEU A 148 -32.39 33.52 39.52
N THR A 149 -32.15 34.75 39.17
CA THR A 149 -31.51 35.06 37.94
C THR A 149 -30.14 34.44 37.93
N GLY A 150 -29.43 34.49 39.03
CA GLY A 150 -28.17 33.81 39.16
C GLY A 150 -28.25 32.30 39.10
N ARG A 151 -29.23 31.75 39.78
CA ARG A 151 -29.42 30.34 39.86
C ARG A 151 -29.73 29.74 38.49
N LEU A 152 -30.57 30.43 37.78
CA LEU A 152 -30.95 30.17 36.44
C LEU A 152 -29.84 30.40 35.48
N ASP A 153 -29.05 31.41 35.74
CA ASP A 153 -27.84 31.67 35.02
C ASP A 153 -26.79 30.63 35.32
N GLU A 154 -26.82 30.05 36.48
CA GLU A 154 -26.06 28.86 36.72
C GLU A 154 -26.53 27.59 36.02
N VAL A 155 -27.82 27.45 35.80
CA VAL A 155 -28.36 26.30 35.22
C VAL A 155 -27.86 26.27 33.82
N LEU A 156 -27.93 27.40 33.14
CA LEU A 156 -27.48 27.54 31.79
C LEU A 156 -26.01 27.34 31.64
N ARG A 157 -25.25 27.78 32.60
CA ARG A 157 -23.85 27.67 32.53
C ARG A 157 -23.38 26.25 32.52
N THR A 158 -23.82 25.46 33.46
CA THR A 158 -23.43 24.09 33.61
C THR A 158 -23.83 23.19 32.49
N LEU A 159 -25.01 23.41 31.95
CA LEU A 159 -25.53 22.70 30.81
C LEU A 159 -24.77 22.92 29.54
N VAL A 160 -24.42 24.14 29.24
CA VAL A 160 -23.62 24.46 28.11
C VAL A 160 -22.26 23.82 28.19
N THR A 161 -21.61 23.91 29.32
CA THR A 161 -20.33 23.32 29.59
C THR A 161 -20.31 21.81 29.59
N SER A 162 -21.38 21.22 30.04
CA SER A 162 -21.62 19.80 29.92
C SER A 162 -21.95 19.31 28.54
N CYS A 163 -22.38 20.24 27.71
CA CYS A 163 -22.76 20.04 26.34
C CYS A 163 -21.71 19.79 25.32
N PHE A 164 -20.50 20.16 25.60
CA PHE A 164 -19.37 19.94 24.73
C PHE A 164 -18.71 18.59 24.94
N LEU A 165 -18.77 17.75 23.92
CA LEU A 165 -18.36 16.35 23.96
C LEU A 165 -17.55 15.87 22.78
N VAL A 166 -16.77 14.83 22.95
CA VAL A 166 -16.09 14.16 21.89
C VAL A 166 -17.03 13.08 21.47
N GLU A 167 -17.71 13.32 20.38
CA GLU A 167 -18.57 12.41 19.70
C GLU A 167 -17.86 11.28 19.03
N LYS A 168 -16.85 11.59 18.27
CA LYS A 168 -16.00 10.58 17.75
C LYS A 168 -14.64 10.62 18.35
N GLN A 169 -14.33 9.59 19.09
CA GLN A 169 -13.09 9.46 19.75
C GLN A 169 -11.87 9.25 18.88
N PRO A 170 -10.75 9.77 19.30
CA PRO A 170 -9.49 9.46 18.68
C PRO A 170 -9.05 8.07 18.99
N PRO A 171 -8.17 7.49 18.18
CA PRO A 171 -7.70 6.16 18.49
C PRO A 171 -6.90 6.09 19.78
N GLN A 172 -7.24 5.13 20.58
CA GLN A 172 -6.66 4.95 21.89
C GLN A 172 -5.23 4.49 21.99
N VAL A 173 -4.80 3.74 21.01
CA VAL A 173 -3.39 3.53 20.80
C VAL A 173 -2.95 4.32 19.56
N LEU A 174 -2.15 5.32 19.80
CA LEU A 174 -1.73 6.27 18.82
C LEU A 174 -0.28 6.21 18.45
N LYS A 175 -0.01 6.34 17.16
CA LYS A 175 1.34 6.37 16.68
C LYS A 175 1.68 7.75 16.28
N THR A 176 2.93 8.10 16.48
CA THR A 176 3.40 9.41 16.08
C THR A 176 3.50 9.48 14.58
N GLN A 177 3.24 10.64 14.03
CA GLN A 177 3.34 10.82 12.61
C GLN A 177 2.40 9.92 11.88
N THR A 178 1.30 9.57 12.53
CA THR A 178 0.25 8.83 11.88
C THR A 178 -0.94 9.69 12.08
N LYS A 179 -1.85 9.67 11.13
CA LYS A 179 -2.93 10.60 11.05
C LYS A 179 -4.22 10.00 11.51
N PHE A 180 -5.01 10.80 12.19
CA PHE A 180 -6.23 10.35 12.85
C PHE A 180 -7.34 11.35 12.89
N GLN A 181 -8.50 10.87 13.21
CA GLN A 181 -9.74 11.59 13.22
C GLN A 181 -10.25 11.69 14.63
N ALA A 182 -10.81 12.83 14.97
CA ALA A 182 -11.68 13.01 16.10
C ALA A 182 -12.79 13.99 15.80
N GLY A 183 -13.87 13.85 16.51
CA GLY A 183 -14.99 14.75 16.42
C GLY A 183 -15.58 15.26 17.71
N VAL A 184 -15.92 16.53 17.77
CA VAL A 184 -16.59 17.10 18.93
C VAL A 184 -17.92 17.66 18.57
N ARG A 185 -18.88 17.55 19.44
CA ARG A 185 -20.16 18.11 19.17
C ARG A 185 -20.69 19.02 20.26
N PHE A 186 -21.36 20.08 19.88
CA PHE A 186 -21.96 20.98 20.82
C PHE A 186 -23.43 20.79 20.73
N LEU A 187 -24.01 20.25 21.78
CA LEU A 187 -25.40 19.93 21.81
C LEU A 187 -26.33 21.10 21.79
N LEU A 188 -25.87 22.23 22.27
CA LEU A 188 -26.68 23.41 22.30
C LEU A 188 -26.34 24.46 21.27
N GLY A 189 -25.55 24.10 20.31
CA GLY A 189 -25.13 24.97 19.24
C GLY A 189 -26.11 25.55 18.29
N LEU A 190 -27.17 24.85 18.00
CA LEU A 190 -28.27 25.33 17.24
C LEU A 190 -29.02 26.47 17.85
N ARG A 191 -29.22 26.47 19.16
CA ARG A 191 -29.74 27.58 19.90
C ARG A 191 -28.88 28.79 19.96
N PHE A 192 -27.58 28.62 20.07
CA PHE A 192 -26.69 29.68 20.49
C PHE A 192 -25.63 30.12 19.54
N LEU A 193 -25.58 29.56 18.36
CA LEU A 193 -24.58 29.96 17.42
C LEU A 193 -25.30 30.12 16.14
N GLY A 194 -24.61 30.59 15.14
CA GLY A 194 -25.33 30.93 13.95
C GLY A 194 -25.24 32.39 13.58
N ALA A 195 -26.30 32.88 12.98
CA ALA A 195 -26.34 33.73 11.84
C ALA A 195 -25.62 35.03 12.03
N PRO A 196 -25.77 35.66 13.18
CA PRO A 196 -25.01 36.87 13.47
C PRO A 196 -23.51 36.60 13.66
N ALA A 197 -23.16 35.53 14.34
CA ALA A 197 -21.78 35.27 14.64
C ALA A 197 -20.97 34.49 13.60
N LYS A 198 -19.66 34.47 13.79
CA LYS A 198 -18.77 33.58 13.06
C LYS A 198 -18.49 32.36 13.88
N PRO A 199 -18.36 31.21 13.26
CA PRO A 199 -18.19 29.98 14.02
C PRO A 199 -16.97 29.94 14.88
N PRO A 200 -17.10 29.58 16.14
CA PRO A 200 -15.94 29.48 17.01
C PRO A 200 -14.94 28.47 16.50
N LEU A 201 -13.68 28.76 16.66
CA LEU A 201 -12.67 27.82 16.29
C LEU A 201 -12.36 26.95 17.45
N VAL A 202 -12.28 25.67 17.20
CA VAL A 202 -11.97 24.74 18.24
C VAL A 202 -10.57 24.21 18.07
N ARG A 203 -9.84 24.24 19.16
CA ARG A 203 -8.52 23.71 19.25
C ARG A 203 -8.45 22.26 19.66
N ALA A 204 -7.47 21.56 19.10
CA ALA A 204 -7.02 20.26 19.49
C ALA A 204 -5.62 20.29 20.08
N ASP A 205 -5.51 19.93 21.33
CA ASP A 205 -4.25 19.84 22.00
C ASP A 205 -4.08 18.52 22.66
N MET A 206 -2.86 18.14 22.89
CA MET A 206 -2.59 16.89 23.53
C MET A 206 -2.20 17.29 24.92
N VAL A 207 -2.72 16.64 25.93
CA VAL A 207 -2.42 16.99 27.30
C VAL A 207 -1.89 15.77 28.03
N THR A 208 -1.24 15.97 29.15
CA THR A 208 -0.79 14.87 29.98
C THR A 208 -1.83 14.50 31.00
N GLU A 209 -1.63 13.44 31.73
CA GLU A 209 -2.53 13.11 32.82
C GLU A 209 -2.50 14.13 33.92
N LYS A 210 -1.32 14.62 34.22
CA LYS A 210 -1.14 15.69 35.16
C LYS A 210 -1.77 16.99 34.71
N GLN A 211 -1.53 17.35 33.46
CA GLN A 211 -2.11 18.51 32.81
C GLN A 211 -3.61 18.41 32.69
N ALA A 212 -4.11 17.19 32.63
CA ALA A 212 -5.50 16.95 32.50
C ALA A 212 -6.21 16.95 33.80
N ARG A 213 -5.46 16.95 34.89
CA ARG A 213 -6.02 17.20 36.19
C ARG A 213 -6.05 18.66 36.50
N GLU A 214 -5.35 19.41 35.69
CA GLU A 214 -5.33 20.84 35.69
C GLU A 214 -4.21 21.24 36.59
N GLU A 230 2.22 20.01 18.88
CA GLU A 230 2.52 18.60 19.00
C GLU A 230 1.56 17.85 18.14
N ILE A 231 0.35 18.38 18.03
CA ILE A 231 -0.63 18.01 16.99
C ILE A 231 -0.91 19.19 16.09
N ILE A 232 -0.88 18.92 14.82
CA ILE A 232 -0.94 19.85 13.75
C ILE A 232 -2.18 19.48 12.96
N ASN A 233 -2.61 20.35 12.05
CA ASN A 233 -3.89 20.24 11.36
C ASN A 233 -5.04 20.34 12.30
N ASN A 234 -4.90 21.20 13.27
CA ASN A 234 -5.70 21.14 14.46
C ASN A 234 -6.67 22.24 14.86
N THR A 235 -7.10 23.06 13.94
CA THR A 235 -8.12 24.01 14.25
C THR A 235 -9.20 23.87 13.23
N VAL A 236 -10.42 23.77 13.69
CA VAL A 236 -11.54 23.45 12.86
C VAL A 236 -12.66 24.33 13.32
N PRO A 237 -13.52 24.79 12.45
CA PRO A 237 -14.68 25.57 12.86
C PRO A 237 -15.82 24.79 13.50
N LEU A 238 -16.46 25.37 14.51
CA LEU A 238 -17.63 24.76 15.05
C LEU A 238 -18.84 25.34 14.43
N GLU A 239 -19.40 24.62 13.48
CA GLU A 239 -20.48 25.10 12.69
C GLU A 239 -21.80 24.32 12.78
N ASN A 240 -22.92 24.97 12.62
CA ASN A 240 -24.18 24.32 12.53
C ASN A 240 -24.48 23.75 11.18
N SER A 241 -25.05 22.56 11.13
CA SER A 241 -25.63 22.02 9.93
C SER A 241 -27.04 21.88 10.21
N ILE A 242 -27.89 22.59 9.54
CA ILE A 242 -29.32 22.43 9.66
C ILE A 242 -29.88 21.11 9.20
N PRO A 243 -29.44 20.60 8.07
CA PRO A 243 -29.71 19.22 7.72
C PRO A 243 -29.05 18.21 8.59
N GLY A 244 -27.85 18.48 9.02
CA GLY A 244 -27.13 17.69 9.98
C GLY A 244 -27.77 17.64 11.33
N ASN A 245 -28.48 18.70 11.64
CA ASN A 245 -29.14 18.86 12.89
C ASN A 245 -28.23 18.83 14.09
N CYS A 246 -27.12 19.49 13.96
CA CYS A 246 -26.07 19.38 14.89
C CYS A 246 -25.12 20.55 14.77
N CYS A 247 -24.33 20.77 15.79
CA CYS A 247 -23.20 21.65 15.72
C CYS A 247 -22.00 20.82 16.11
N SER A 248 -21.10 20.66 15.20
CA SER A 248 -20.02 19.76 15.36
C SER A 248 -18.74 20.25 14.77
N ALA A 249 -17.62 19.88 15.35
CA ALA A 249 -16.31 20.08 14.78
C ALA A 249 -15.64 18.78 14.43
N LEU A 250 -15.32 18.56 13.19
CA LEU A 250 -14.70 17.35 12.75
C LEU A 250 -13.28 17.57 12.37
N PHE A 251 -12.36 16.87 12.98
CA PHE A 251 -11.00 16.95 12.58
C PHE A 251 -10.63 15.74 11.75
N LYS A 252 -10.56 15.91 10.45
CA LYS A 252 -10.27 14.85 9.53
C LYS A 252 -8.91 14.23 9.50
N ASN A 253 -7.85 15.01 9.52
CA ASN A 253 -6.50 14.41 9.62
C ASN A 253 -5.54 15.02 10.65
N LEU A 254 -5.80 14.87 11.92
CA LEU A 254 -4.87 15.26 12.93
C LEU A 254 -3.60 14.42 12.83
N LEU A 255 -2.46 15.03 13.10
CA LEU A 255 -1.23 14.35 13.03
C LEU A 255 -0.44 14.61 14.24
N LEU A 256 0.18 13.57 14.75
CA LEU A 256 0.85 13.69 15.98
C LEU A 256 2.33 13.53 15.79
N LYS A 257 3.05 14.59 16.10
CA LYS A 257 4.48 14.54 16.13
C LYS A 257 5.09 15.35 17.28
N GLU A 272 2.69 2.14 30.49
CA GLU A 272 1.67 2.58 31.43
C GLU A 272 1.30 4.08 31.35
N GLU A 273 1.48 4.74 30.22
CA GLU A 273 1.38 6.21 30.14
C GLU A 273 0.30 6.81 29.26
N LYS A 274 -0.55 7.62 29.87
CA LYS A 274 -1.82 8.03 29.38
C LYS A 274 -1.94 9.53 29.15
N CYS A 275 -2.41 9.91 27.98
CA CYS A 275 -2.61 11.28 27.56
C CYS A 275 -3.96 11.32 26.97
N ALA A 276 -4.42 12.48 26.62
CA ALA A 276 -5.69 12.67 25.99
C ALA A 276 -5.63 13.82 25.03
N VAL A 277 -6.66 13.99 24.22
CA VAL A 277 -6.81 15.20 23.44
C VAL A 277 -7.82 16.14 24.05
N LEU A 278 -7.39 17.34 24.33
CA LEU A 278 -8.24 18.37 24.82
C LEU A 278 -8.75 19.23 23.71
N PHE A 279 -10.04 19.39 23.64
CA PHE A 279 -10.64 20.18 22.62
C PHE A 279 -11.16 21.41 23.28
N SER A 280 -10.85 22.55 22.72
CA SER A 280 -11.08 23.80 23.37
C SER A 280 -11.70 24.83 22.48
N ALA A 281 -12.77 25.44 22.89
CA ALA A 281 -13.41 26.51 22.15
C ALA A 281 -13.78 27.59 23.11
N SER A 282 -14.03 28.79 22.64
CA SER A 282 -14.70 29.78 23.44
C SER A 282 -15.73 30.56 22.67
N PHE A 283 -16.94 30.60 23.16
CA PHE A 283 -17.92 31.43 22.56
C PHE A 283 -18.53 32.36 23.62
N THR A 284 -19.10 33.47 23.19
CA THR A 284 -19.77 34.31 24.13
C THR A 284 -21.25 34.28 23.94
N LEU A 285 -21.99 34.34 25.02
CA LEU A 285 -23.39 34.08 24.96
C LEU A 285 -24.28 35.22 25.48
N PRO A 291 -17.61 35.62 27.99
CA PRO A 291 -17.62 34.53 27.03
C PRO A 291 -17.85 33.27 27.78
N ILE A 292 -17.56 32.15 27.17
CA ILE A 292 -17.47 30.90 27.89
C ILE A 292 -16.40 30.11 27.25
N GLN A 293 -15.73 29.28 28.03
CA GLN A 293 -14.73 28.42 27.48
C GLN A 293 -15.24 27.02 27.44
N LEU A 294 -15.19 26.41 26.29
CA LEU A 294 -15.66 25.09 26.19
C LEU A 294 -14.50 24.12 26.15
N GLN A 295 -14.56 23.09 26.95
CA GLN A 295 -13.54 22.09 26.98
C GLN A 295 -14.06 20.67 26.93
N ALA A 296 -13.54 19.89 26.02
CA ALA A 296 -13.74 18.46 25.98
C ALA A 296 -12.41 17.77 26.04
N LEU A 297 -12.34 16.78 26.88
CA LEU A 297 -11.23 15.92 27.04
C LEU A 297 -11.62 14.56 26.55
N SER A 298 -10.75 13.98 25.75
CA SER A 298 -10.93 12.69 25.16
C SER A 298 -10.70 11.62 26.15
N LEU A 299 -10.94 10.41 25.72
CA LEU A 299 -10.59 9.24 26.43
C LEU A 299 -9.11 9.11 26.42
N PRO A 300 -8.52 8.39 27.35
CA PRO A 300 -7.07 8.28 27.39
C PRO A 300 -6.37 7.50 26.28
N LEU A 301 -5.19 7.98 26.01
CA LEU A 301 -4.45 7.54 24.89
C LEU A 301 -3.12 7.13 25.37
N VAL A 302 -2.54 6.18 24.67
CA VAL A 302 -1.16 5.84 24.78
C VAL A 302 -0.52 6.07 23.45
N VAL A 303 0.52 6.84 23.44
CA VAL A 303 1.39 6.99 22.31
C VAL A 303 2.64 6.13 22.41
N ILE A 304 2.84 5.31 21.39
CA ILE A 304 4.00 4.49 21.23
C ILE A 304 4.76 4.98 20.01
N VAL A 305 6.05 4.83 20.01
CA VAL A 305 6.90 5.53 19.06
C VAL A 305 7.27 4.60 17.96
N HIS A 306 6.35 3.76 17.59
CA HIS A 306 6.64 2.57 16.88
C HIS A 306 7.49 1.85 17.89
N GLY A 307 8.60 1.29 17.45
CA GLY A 307 9.47 0.68 18.40
C GLY A 307 8.53 -0.23 19.12
N ASN A 308 7.81 -1.00 18.35
CA ASN A 308 6.73 -1.78 18.84
C ASN A 308 7.39 -2.69 19.83
N GLN A 309 6.61 -3.34 20.67
CA GLN A 309 5.20 -3.46 20.49
C GLN A 309 4.27 -2.38 20.96
N ASP A 310 3.03 -2.68 20.66
CA ASP A 310 1.86 -2.11 21.21
C ASP A 310 1.04 -3.01 22.12
N ASN A 311 1.61 -4.08 22.62
CA ASN A 311 0.97 -5.01 23.53
C ASN A 311 0.60 -4.45 24.89
N ASN A 312 1.54 -3.79 25.49
CA ASN A 312 1.33 -3.14 26.72
C ASN A 312 0.35 -2.00 26.63
N ALA A 313 0.39 -1.23 25.56
CA ALA A 313 -0.47 -0.12 25.33
C ALA A 313 -1.90 -0.47 25.24
N LYS A 314 -2.16 -1.53 24.53
CA LYS A 314 -3.43 -2.13 24.38
C LYS A 314 -4.08 -2.68 25.58
N ALA A 315 -3.31 -3.28 26.45
CA ALA A 315 -3.71 -3.69 27.75
C ALA A 315 -4.08 -2.59 28.69
N THR A 316 -3.31 -1.53 28.69
CA THR A 316 -3.55 -0.36 29.44
C THR A 316 -4.86 0.26 29.01
N ILE A 317 -5.06 0.37 27.72
CA ILE A 317 -6.28 0.88 27.18
C ILE A 317 -7.49 0.01 27.45
N LEU A 318 -7.38 -1.27 27.36
CA LEU A 318 -8.45 -2.14 27.73
C LEU A 318 -8.95 -2.15 29.17
N TRP A 319 -8.05 -2.14 30.14
CA TRP A 319 -8.32 -2.02 31.53
C TRP A 319 -8.97 -0.73 31.94
N ASP A 320 -8.48 0.38 31.45
CA ASP A 320 -9.07 1.66 31.70
C ASP A 320 -10.49 1.85 31.19
N ASN A 321 -10.77 1.41 30.00
CA ASN A 321 -12.08 1.44 29.45
C ASN A 321 -13.04 0.58 30.18
N ALA A 322 -12.60 -0.59 30.55
CA ALA A 322 -13.37 -1.50 31.36
C ALA A 322 -13.66 -1.17 32.74
N PHE A 323 -12.72 -0.60 33.44
CA PHE A 323 -12.71 -0.62 34.85
C PHE A 323 -12.59 0.75 35.41
N SER A 324 -13.18 1.70 34.77
CA SER A 324 -13.17 3.05 35.29
C SER A 324 -14.40 3.34 36.03
N GLU A 325 -14.39 4.43 36.77
CA GLU A 325 -15.57 4.87 37.45
C GLU A 325 -15.99 6.06 36.69
N MET A 326 -17.27 6.32 36.65
CA MET A 326 -17.77 7.53 36.08
C MET A 326 -17.28 8.70 36.88
N ASP A 327 -17.04 8.41 38.13
CA ASP A 327 -16.65 9.35 39.16
C ASP A 327 -15.36 10.09 38.91
N ARG A 328 -14.45 9.45 38.22
CA ARG A 328 -13.05 9.58 38.36
C ARG A 328 -12.37 10.82 37.92
N VAL A 329 -11.13 10.85 38.32
CA VAL A 329 -10.17 11.85 38.02
C VAL A 329 -9.26 11.26 36.99
N PRO A 330 -8.75 12.07 36.08
CA PRO A 330 -7.86 11.56 35.08
C PRO A 330 -6.64 10.98 35.68
N PHE A 331 -6.25 9.77 35.35
CA PHE A 331 -7.00 8.74 34.70
C PHE A 331 -6.80 7.56 35.59
N VAL A 332 -7.50 7.59 36.72
CA VAL A 332 -7.55 6.55 37.71
C VAL A 332 -8.33 5.33 37.33
N VAL A 333 -7.76 4.19 37.66
CA VAL A 333 -8.35 2.91 37.45
C VAL A 333 -8.13 2.12 38.68
N ALA A 334 -8.91 1.10 38.89
CA ALA A 334 -8.67 0.15 39.91
C ALA A 334 -7.52 -0.76 39.64
N GLU A 335 -6.83 -1.17 40.69
CA GLU A 335 -5.92 -2.28 40.63
C GLU A 335 -6.44 -3.69 40.54
N ARG A 336 -7.50 -4.00 41.25
CA ARG A 336 -8.11 -5.32 41.20
C ARG A 336 -9.52 -5.19 40.89
N VAL A 337 -10.02 -6.14 40.16
CA VAL A 337 -11.38 -6.20 39.71
C VAL A 337 -11.88 -7.62 39.76
N PRO A 338 -13.16 -7.83 39.70
CA PRO A 338 -13.69 -9.18 39.57
C PRO A 338 -13.43 -9.91 38.26
N TRP A 339 -13.11 -11.15 38.36
CA TRP A 339 -12.92 -12.02 37.27
C TRP A 339 -14.16 -12.21 36.42
N GLU A 340 -15.32 -12.05 36.96
CA GLU A 340 -16.53 -12.13 36.24
C GLU A 340 -16.64 -10.99 35.25
N LYS A 341 -16.27 -9.84 35.72
CA LYS A 341 -16.16 -8.64 34.97
C LYS A 341 -15.10 -8.66 33.92
N MET A 342 -13.98 -9.30 34.19
CA MET A 342 -12.90 -9.56 33.29
C MET A 342 -13.30 -10.44 32.15
N CYS A 343 -14.03 -11.45 32.44
CA CYS A 343 -14.56 -12.39 31.50
C CYS A 343 -15.50 -11.78 30.54
N GLU A 344 -16.27 -10.85 31.00
CA GLU A 344 -17.08 -10.03 30.19
C GLU A 344 -16.31 -9.16 29.30
N THR A 345 -15.23 -8.64 29.77
CA THR A 345 -14.35 -7.82 29.01
C THR A 345 -13.66 -8.56 27.92
N LEU A 346 -13.18 -9.73 28.20
CA LEU A 346 -12.55 -10.55 27.25
C LEU A 346 -13.43 -11.05 26.15
N ASN A 347 -14.65 -11.40 26.47
CA ASN A 347 -15.62 -11.90 25.54
C ASN A 347 -16.00 -10.87 24.50
N LEU A 348 -16.25 -9.68 24.94
CA LEU A 348 -16.53 -8.59 24.08
C LEU A 348 -15.37 -8.20 23.20
N LYS A 349 -14.19 -8.27 23.72
CA LYS A 349 -13.01 -8.01 23.00
C LYS A 349 -12.71 -9.01 21.95
N PHE A 350 -12.90 -10.26 22.26
CA PHE A 350 -12.66 -11.31 21.35
C PHE A 350 -13.56 -11.23 20.11
N MET A 351 -14.78 -10.84 20.30
CA MET A 351 -15.72 -10.60 19.27
C MET A 351 -15.49 -9.41 18.34
N ALA A 352 -15.25 -8.29 18.93
CA ALA A 352 -15.00 -7.10 18.23
C ALA A 352 -13.76 -7.09 17.41
N GLU A 353 -12.72 -7.58 18.03
CA GLU A 353 -11.42 -7.69 17.51
C GLU A 353 -11.21 -8.74 16.47
N VAL A 354 -11.75 -9.90 16.71
CA VAL A 354 -11.74 -11.01 15.80
C VAL A 354 -12.63 -10.83 14.60
N GLY A 355 -13.70 -10.10 14.75
CA GLY A 355 -14.73 -10.08 13.75
C GLY A 355 -15.81 -11.10 13.78
N THR A 356 -16.27 -11.43 14.95
CA THR A 356 -17.16 -12.53 15.16
C THR A 356 -18.22 -12.27 16.20
N ASN A 357 -19.31 -12.96 16.05
CA ASN A 357 -20.43 -12.87 16.93
C ASN A 357 -20.53 -13.98 17.89
N ARG A 358 -19.70 -14.97 17.71
CA ARG A 358 -19.57 -16.09 18.57
C ARG A 358 -18.56 -15.75 19.60
N GLY A 359 -18.93 -15.79 20.84
CA GLY A 359 -18.09 -15.38 21.90
C GLY A 359 -17.47 -16.47 22.70
N LEU A 360 -17.13 -16.13 23.90
CA LEU A 360 -16.56 -17.10 24.80
C LEU A 360 -17.51 -17.69 25.80
N LEU A 361 -17.54 -18.99 25.85
CA LEU A 361 -18.29 -19.75 26.80
C LEU A 361 -17.72 -19.96 28.19
N PRO A 362 -18.53 -20.40 29.12
CA PRO A 362 -18.07 -20.72 30.46
C PRO A 362 -17.02 -21.77 30.47
N GLU A 363 -17.11 -22.71 29.57
CA GLU A 363 -16.10 -23.70 29.33
C GLU A 363 -14.79 -23.10 28.95
N HIS A 364 -14.79 -22.03 28.18
CA HIS A 364 -13.59 -21.26 27.94
C HIS A 364 -12.99 -20.50 29.11
N PHE A 365 -13.85 -19.98 29.92
CA PHE A 365 -13.47 -19.14 30.99
C PHE A 365 -12.80 -19.89 32.09
N LEU A 366 -13.14 -21.15 32.22
CA LEU A 366 -12.53 -22.06 33.09
C LEU A 366 -11.11 -22.33 32.83
N PHE A 367 -10.79 -22.59 31.60
CA PHE A 367 -9.47 -22.73 31.13
C PHE A 367 -8.65 -21.48 31.24
N LEU A 368 -9.25 -20.35 31.04
CA LEU A 368 -8.64 -19.07 31.21
C LEU A 368 -8.30 -18.70 32.59
N ALA A 369 -9.15 -19.07 33.50
CA ALA A 369 -8.98 -18.97 34.92
C ALA A 369 -7.85 -19.79 35.43
N GLN A 370 -7.70 -20.97 34.90
CA GLN A 370 -6.61 -21.76 35.25
C GLN A 370 -5.27 -21.19 34.91
N LYS A 371 -5.15 -20.64 33.73
CA LYS A 371 -3.96 -20.01 33.34
C LYS A 371 -3.59 -18.79 34.14
N ILE A 372 -4.48 -17.87 34.28
CA ILE A 372 -4.23 -16.66 34.99
C ILE A 372 -3.93 -16.83 36.49
N PHE A 373 -4.66 -17.71 37.12
CA PHE A 373 -4.55 -17.94 38.53
C PHE A 373 -3.67 -19.11 38.83
N ASN A 374 -3.21 -19.77 37.80
CA ASN A 374 -2.33 -20.89 37.93
C ASN A 374 -2.86 -21.93 38.88
N ASP A 375 -4.04 -22.44 38.59
CA ASP A 375 -4.78 -23.24 39.50
C ASP A 375 -5.40 -24.25 38.63
N ASN A 376 -5.53 -25.44 39.10
CA ASN A 376 -5.96 -26.55 38.31
C ASN A 376 -7.30 -27.06 38.64
N SER A 377 -8.07 -26.27 39.35
CA SER A 377 -9.40 -26.63 39.66
C SER A 377 -10.26 -26.75 38.42
N LEU A 378 -11.11 -27.75 38.41
CA LEU A 378 -11.95 -27.97 37.29
C LEU A 378 -13.34 -27.58 37.57
N SER A 379 -13.57 -26.89 38.66
CA SER A 379 -14.87 -26.40 38.99
C SER A 379 -14.91 -24.95 38.72
N MET A 380 -15.89 -24.52 37.99
CA MET A 380 -16.07 -23.17 37.66
C MET A 380 -16.33 -22.35 38.88
N GLU A 381 -16.76 -23.01 39.93
CA GLU A 381 -17.07 -22.42 41.21
C GLU A 381 -15.90 -21.94 41.98
N ALA A 382 -14.77 -22.53 41.72
CA ALA A 382 -13.52 -22.18 42.28
C ALA A 382 -13.13 -20.79 41.88
N PHE A 383 -13.53 -20.43 40.68
CA PHE A 383 -13.12 -19.19 40.12
C PHE A 383 -14.12 -18.08 40.09
N GLN A 384 -15.33 -18.32 40.48
CA GLN A 384 -16.35 -17.29 40.46
C GLN A 384 -16.24 -16.00 41.34
N HIS A 385 -15.73 -16.09 42.54
CA HIS A 385 -15.59 -14.93 43.37
C HIS A 385 -14.21 -14.39 43.38
N ARG A 386 -13.40 -14.94 42.53
CA ARG A 386 -12.07 -14.58 42.33
C ARG A 386 -11.90 -13.19 41.77
N SER A 387 -10.82 -12.56 42.10
CA SER A 387 -10.54 -11.24 41.64
C SER A 387 -9.28 -11.17 40.80
N VAL A 388 -9.19 -10.25 39.87
CA VAL A 388 -7.99 -10.07 39.06
C VAL A 388 -7.29 -8.76 39.31
N SER A 389 -5.99 -8.78 39.22
CA SER A 389 -5.23 -7.58 39.27
C SER A 389 -4.64 -7.26 37.95
N TRP A 390 -4.16 -6.06 37.82
CA TRP A 390 -3.44 -5.55 36.70
C TRP A 390 -2.19 -6.33 36.47
N SER A 391 -1.56 -6.69 37.54
CA SER A 391 -0.45 -7.58 37.57
C SER A 391 -0.67 -8.98 37.18
N GLN A 392 -1.74 -9.58 37.61
CA GLN A 392 -2.04 -10.90 37.17
C GLN A 392 -2.30 -10.88 35.67
N PHE A 393 -2.98 -9.86 35.23
CA PHE A 393 -3.28 -9.60 33.85
C PHE A 393 -2.17 -9.26 32.80
N ASN A 394 -1.31 -8.27 33.01
CA ASN A 394 -0.27 -7.92 32.09
C ASN A 394 1.14 -7.76 32.64
N LYS A 395 1.40 -8.18 33.85
CA LYS A 395 2.71 -7.98 34.44
C LYS A 395 3.45 -9.19 34.96
N GLU A 396 2.77 -10.22 35.39
CA GLU A 396 3.35 -11.41 35.92
C GLU A 396 3.52 -12.38 34.82
N ILE A 397 4.70 -12.90 34.64
CA ILE A 397 4.96 -13.87 33.64
C ILE A 397 4.31 -15.14 34.09
N LEU A 398 3.62 -15.78 33.18
CA LEU A 398 2.88 -16.98 33.40
C LEU A 398 3.85 -18.06 33.65
N LEU A 399 3.52 -18.97 34.53
CA LEU A 399 4.42 -19.98 35.04
C LEU A 399 4.83 -21.00 34.03
N GLY A 400 6.13 -21.19 33.87
CA GLY A 400 6.66 -22.06 32.88
C GLY A 400 6.68 -21.47 31.52
N ARG A 401 6.37 -20.20 31.44
CA ARG A 401 6.25 -19.50 30.19
C ARG A 401 7.04 -18.28 30.24
N GLY A 402 7.21 -17.66 29.11
CA GLY A 402 7.96 -16.46 28.97
C GLY A 402 7.14 -15.25 28.71
N PHE A 403 5.85 -15.42 28.81
CA PHE A 403 4.92 -14.44 28.40
C PHE A 403 3.93 -14.19 29.49
N THR A 404 3.24 -13.05 29.47
CA THR A 404 2.11 -12.74 30.31
C THR A 404 0.79 -13.31 29.83
N PHE A 405 -0.27 -13.19 30.62
CA PHE A 405 -1.61 -13.59 30.23
C PHE A 405 -2.21 -12.84 29.07
N TRP A 406 -2.11 -11.53 29.06
CA TRP A 406 -2.55 -10.72 27.97
C TRP A 406 -1.74 -10.95 26.72
N GLN A 407 -0.48 -11.13 26.89
CA GLN A 407 0.36 -11.42 25.81
C GLN A 407 -0.10 -12.69 25.08
N TRP A 408 -0.48 -13.71 25.81
CA TRP A 408 -1.16 -14.86 25.29
C TRP A 408 -2.54 -14.62 24.75
N PHE A 409 -3.36 -13.89 25.40
CA PHE A 409 -4.66 -13.62 24.91
C PHE A 409 -4.70 -12.82 23.64
N ASP A 410 -3.93 -11.76 23.61
CA ASP A 410 -3.76 -10.94 22.44
C ASP A 410 -3.16 -11.69 21.30
N GLY A 411 -2.31 -12.62 21.58
CA GLY A 411 -1.87 -13.55 20.61
C GLY A 411 -2.84 -14.48 19.98
N VAL A 412 -3.82 -15.03 20.67
CA VAL A 412 -4.89 -15.79 20.04
C VAL A 412 -5.82 -14.94 19.22
N LEU A 413 -5.93 -13.71 19.60
CA LEU A 413 -6.67 -12.72 18.94
C LEU A 413 -6.24 -12.34 17.56
N ASP A 414 -4.96 -12.13 17.39
CA ASP A 414 -4.27 -11.91 16.18
C ASP A 414 -4.24 -13.12 15.30
N LEU A 415 -4.02 -14.28 15.88
CA LEU A 415 -4.09 -15.48 15.12
C LEU A 415 -5.47 -15.76 14.55
N THR A 416 -6.49 -15.61 15.36
CA THR A 416 -7.85 -15.68 14.91
C THR A 416 -8.39 -14.63 14.00
N LYS A 417 -8.12 -13.40 14.26
CA LYS A 417 -8.48 -12.40 13.33
C LYS A 417 -7.86 -12.56 11.94
N ARG A 418 -6.58 -12.85 11.85
CA ARG A 418 -5.90 -13.13 10.61
C ARG A 418 -6.23 -14.40 9.86
N CYS A 419 -6.27 -15.51 10.53
CA CYS A 419 -6.42 -16.79 9.88
C CYS A 419 -7.64 -17.62 10.09
N LEU A 420 -8.30 -17.46 11.20
CA LEU A 420 -9.26 -18.41 11.64
C LEU A 420 -10.69 -17.97 11.82
N ARG A 421 -11.06 -16.81 11.35
CA ARG A 421 -12.29 -16.23 11.71
C ARG A 421 -13.55 -16.98 11.32
N SER A 422 -13.61 -17.50 10.14
CA SER A 422 -14.70 -18.29 9.67
C SER A 422 -14.82 -19.61 10.34
N TYR A 423 -13.69 -20.20 10.65
CA TYR A 423 -13.57 -21.44 11.31
C TYR A 423 -14.09 -21.36 12.70
N TRP A 424 -13.81 -20.25 13.37
CA TRP A 424 -14.39 -19.94 14.63
C TRP A 424 -15.87 -19.75 14.61
N SER A 425 -16.34 -19.01 13.66
CA SER A 425 -17.72 -18.80 13.42
C SER A 425 -18.46 -20.04 13.07
N ASP A 426 -17.85 -20.89 12.30
CA ASP A 426 -18.45 -22.14 11.96
C ASP A 426 -18.46 -23.15 13.06
N ARG A 427 -17.79 -22.79 14.14
CA ARG A 427 -17.64 -23.54 15.37
C ARG A 427 -16.75 -24.75 15.34
N LEU A 428 -15.72 -24.67 14.56
CA LEU A 428 -14.87 -25.78 14.33
C LEU A 428 -13.68 -25.84 15.25
N ILE A 429 -13.54 -24.81 16.06
CA ILE A 429 -12.48 -24.66 17.03
C ILE A 429 -13.09 -24.68 18.40
N ILE A 430 -12.65 -25.57 19.26
CA ILE A 430 -12.90 -25.45 20.68
C ILE A 430 -12.13 -24.31 21.25
N GLY A 431 -10.86 -24.21 20.91
CA GLY A 431 -10.08 -23.09 21.29
C GLY A 431 -9.49 -23.28 22.62
N PHE A 432 -10.21 -22.83 23.62
CA PHE A 432 -9.71 -22.79 24.95
C PHE A 432 -10.01 -24.01 25.76
N ILE A 433 -9.04 -24.89 25.83
CA ILE A 433 -9.09 -26.14 26.48
C ILE A 433 -7.67 -26.57 26.66
N SER A 434 -7.34 -27.18 27.78
CA SER A 434 -6.03 -27.74 28.05
C SER A 434 -5.70 -29.04 27.40
N LYS A 435 -4.43 -29.31 27.27
CA LYS A 435 -3.93 -30.50 26.67
C LYS A 435 -4.32 -31.69 27.49
N GLN A 436 -4.35 -31.52 28.77
CA GLN A 436 -4.75 -32.51 29.70
C GLN A 436 -6.23 -32.88 29.67
N TYR A 437 -7.09 -31.90 29.59
CA TYR A 437 -8.49 -32.11 29.45
C TYR A 437 -8.82 -32.77 28.12
N VAL A 438 -8.00 -32.56 27.13
CA VAL A 438 -8.17 -33.12 25.82
C VAL A 438 -8.04 -34.62 25.81
N THR A 439 -7.17 -35.16 26.63
CA THR A 439 -6.92 -36.56 26.67
C THR A 439 -8.13 -37.33 27.13
N SER A 440 -8.83 -36.73 28.04
CA SER A 440 -10.06 -37.22 28.54
C SER A 440 -11.22 -37.27 27.60
N LEU A 441 -11.42 -36.21 26.87
CA LEU A 441 -12.46 -36.18 25.90
C LEU A 441 -12.28 -37.13 24.76
N LEU A 442 -11.10 -37.11 24.19
CA LEU A 442 -10.71 -37.95 23.07
C LEU A 442 -10.53 -39.46 23.26
N LEU A 443 -10.09 -39.86 24.41
CA LEU A 443 -9.73 -41.23 24.67
C LEU A 443 -10.83 -42.28 24.61
N ASN A 444 -12.06 -41.89 24.85
CA ASN A 444 -13.16 -42.72 24.52
C ASN A 444 -13.72 -42.59 23.10
N GLU A 445 -13.21 -41.68 22.30
CA GLU A 445 -13.69 -41.55 20.93
C GLU A 445 -13.16 -42.46 19.85
N PRO A 446 -13.83 -42.49 18.72
CA PRO A 446 -13.43 -43.30 17.57
C PRO A 446 -12.22 -42.81 16.83
N ASP A 447 -11.60 -43.63 16.05
CA ASP A 447 -10.38 -43.31 15.36
C ASP A 447 -10.49 -42.19 14.34
N GLY A 448 -9.52 -41.31 14.37
CA GLY A 448 -9.52 -40.24 13.44
C GLY A 448 -10.31 -39.04 13.85
N THR A 449 -10.73 -39.05 15.08
CA THR A 449 -11.49 -37.98 15.69
C THR A 449 -10.57 -36.99 16.30
N PHE A 450 -10.89 -35.73 16.07
CA PHE A 450 -9.98 -34.67 16.37
C PHE A 450 -10.61 -33.41 16.88
N LEU A 451 -9.79 -32.56 17.41
CA LEU A 451 -10.14 -31.20 17.70
C LEU A 451 -9.03 -30.16 17.48
N LEU A 452 -9.42 -28.92 17.48
CA LEU A 452 -8.56 -27.77 17.37
C LEU A 452 -8.52 -26.89 18.57
N ARG A 453 -7.34 -26.64 19.05
CA ARG A 453 -7.12 -25.84 20.19
C ARG A 453 -6.04 -24.85 19.96
N PHE A 454 -6.12 -23.77 20.66
CA PHE A 454 -5.00 -22.91 20.84
C PHE A 454 -3.95 -23.49 21.72
N SER A 455 -2.72 -23.33 21.25
CA SER A 455 -1.54 -23.69 21.96
C SER A 455 -1.24 -22.85 23.18
N ASP A 456 -0.98 -23.52 24.26
CA ASP A 456 -0.65 -22.91 25.51
C ASP A 456 0.78 -22.47 25.65
N SER A 457 1.67 -23.06 24.89
CA SER A 457 3.11 -22.88 24.99
C SER A 457 3.73 -21.89 24.06
N GLU A 458 2.91 -21.33 23.21
CA GLU A 458 3.32 -20.42 22.23
C GLU A 458 2.39 -19.29 22.13
N ILE A 459 2.78 -18.30 21.37
CA ILE A 459 1.98 -17.17 21.05
C ILE A 459 1.44 -17.29 19.68
N GLY A 460 0.16 -17.11 19.51
CA GLY A 460 -0.49 -17.38 18.29
C GLY A 460 -0.32 -18.70 17.64
N GLY A 461 -0.65 -19.77 18.30
CA GLY A 461 -0.61 -21.07 17.71
C GLY A 461 -1.90 -21.87 17.77
N ILE A 462 -2.14 -22.63 16.73
CA ILE A 462 -3.27 -23.51 16.63
C ILE A 462 -2.84 -24.94 16.39
N THR A 463 -3.32 -25.86 17.20
CA THR A 463 -2.91 -27.24 17.10
C THR A 463 -4.00 -28.26 16.96
N ILE A 464 -3.67 -29.40 16.39
CA ILE A 464 -4.56 -30.51 16.26
C ILE A 464 -4.22 -31.56 17.27
N ALA A 465 -5.25 -32.00 17.97
CA ALA A 465 -5.21 -33.11 18.86
C ALA A 465 -6.09 -34.13 18.26
N HIS A 466 -5.69 -35.36 18.34
CA HIS A 466 -6.48 -36.41 17.78
C HIS A 466 -6.30 -37.79 18.34
N VAL A 467 -7.29 -38.62 18.11
CA VAL A 467 -7.27 -39.97 18.64
C VAL A 467 -7.08 -40.99 17.58
N ILE A 468 -6.15 -41.88 17.81
CA ILE A 468 -5.82 -42.94 16.91
C ILE A 468 -5.96 -44.32 17.59
N ARG A 469 -6.85 -45.13 17.07
CA ARG A 469 -7.11 -46.44 17.63
C ARG A 469 -7.20 -47.59 16.66
N GLY A 470 -6.32 -48.54 16.84
CA GLY A 470 -6.30 -49.72 16.05
C GLY A 470 -7.21 -50.84 16.40
N GLN A 471 -7.10 -51.88 15.60
CA GLN A 471 -7.81 -53.13 15.77
C GLN A 471 -7.43 -53.82 17.03
N ASP A 472 -6.25 -53.51 17.51
CA ASP A 472 -5.85 -53.88 18.83
C ASP A 472 -6.75 -53.17 19.79
N GLY A 473 -7.13 -51.96 19.45
CA GLY A 473 -8.13 -51.26 20.20
C GLY A 473 -7.63 -50.42 21.30
N SER A 474 -6.34 -50.17 21.27
CA SER A 474 -5.70 -49.31 22.23
C SER A 474 -5.52 -47.90 21.72
N PRO A 475 -6.08 -46.93 22.43
CA PRO A 475 -6.00 -45.54 22.07
C PRO A 475 -4.72 -44.77 22.44
N GLN A 476 -4.26 -43.98 21.50
CA GLN A 476 -3.25 -43.01 21.75
C GLN A 476 -3.73 -41.63 21.31
N ILE A 477 -3.50 -40.62 22.11
CA ILE A 477 -3.71 -39.26 21.69
C ILE A 477 -2.44 -38.63 21.14
N GLU A 478 -2.53 -38.06 19.98
CA GLU A 478 -1.46 -37.33 19.35
C GLU A 478 -1.76 -35.85 19.25
N ASN A 479 -0.91 -35.01 19.81
CA ASN A 479 -0.97 -33.59 19.57
C ASN A 479 0.08 -33.21 18.57
N ILE A 480 -0.36 -32.62 17.50
CA ILE A 480 0.44 -32.16 16.44
C ILE A 480 0.86 -30.80 16.78
N GLN A 481 2.04 -30.45 16.39
CA GLN A 481 2.57 -29.20 16.78
C GLN A 481 1.76 -28.09 16.26
N PRO A 482 1.81 -26.99 16.96
CA PRO A 482 0.98 -25.87 16.61
C PRO A 482 1.38 -25.19 15.37
N PHE A 483 0.40 -24.60 14.72
CA PHE A 483 0.55 -23.67 13.65
C PHE A 483 0.37 -22.24 14.00
N SER A 484 1.22 -21.44 13.41
CA SER A 484 1.16 -20.01 13.34
C SER A 484 0.42 -19.43 12.20
N ALA A 485 0.31 -18.12 12.25
CA ALA A 485 -0.20 -17.31 11.19
C ALA A 485 0.57 -17.36 9.91
N LYS A 486 1.89 -17.36 10.00
CA LYS A 486 2.73 -17.53 8.88
C LYS A 486 2.45 -18.84 8.25
N ASP A 487 2.37 -19.89 9.05
CA ASP A 487 2.17 -21.25 8.56
C ASP A 487 0.87 -21.38 7.78
N LEU A 488 -0.19 -20.81 8.27
CA LEU A 488 -1.52 -20.80 7.66
C LEU A 488 -1.74 -20.05 6.35
N SER A 489 -0.99 -18.99 6.18
CA SER A 489 -0.88 -18.24 4.97
C SER A 489 -0.31 -19.06 3.87
N ILE A 490 0.69 -19.88 4.16
CA ILE A 490 1.18 -20.83 3.20
C ILE A 490 0.18 -21.86 2.81
N ARG A 491 -0.30 -22.65 3.74
CA ARG A 491 -1.37 -23.58 3.54
C ARG A 491 -2.35 -23.28 4.60
N SER A 492 -3.60 -23.23 4.27
CA SER A 492 -4.63 -23.03 5.25
C SER A 492 -4.86 -24.21 6.08
N LEU A 493 -5.47 -23.95 7.20
CA LEU A 493 -5.75 -24.96 8.16
C LEU A 493 -6.70 -25.99 7.65
N GLY A 494 -7.65 -25.59 6.86
CA GLY A 494 -8.48 -26.52 6.17
C GLY A 494 -7.77 -27.42 5.19
N ASP A 495 -6.85 -26.89 4.44
CA ASP A 495 -6.04 -27.66 3.56
C ASP A 495 -5.12 -28.63 4.23
N ARG A 496 -4.50 -28.23 5.30
CA ARG A 496 -3.73 -29.12 6.13
C ARG A 496 -4.50 -30.26 6.76
N ILE A 497 -5.71 -30.01 7.23
CA ILE A 497 -6.55 -31.03 7.83
C ILE A 497 -6.95 -32.09 6.83
N ARG A 498 -7.30 -31.63 5.65
CA ARG A 498 -7.66 -32.42 4.52
C ARG A 498 -6.51 -33.28 4.08
N ASP A 499 -5.32 -32.78 4.25
CA ASP A 499 -4.12 -33.40 3.79
C ASP A 499 -3.88 -34.65 4.52
N LEU A 500 -4.54 -34.82 5.64
CA LEU A 500 -4.25 -35.91 6.51
C LEU A 500 -5.29 -36.97 6.60
N ALA A 501 -5.00 -38.09 5.99
CA ALA A 501 -5.95 -39.15 5.87
C ALA A 501 -6.39 -39.76 7.20
N GLN A 502 -5.55 -39.68 8.20
CA GLN A 502 -5.84 -40.15 9.51
C GLN A 502 -7.01 -39.43 10.20
N LEU A 503 -7.16 -38.14 9.95
CA LEU A 503 -8.23 -37.37 10.49
C LEU A 503 -9.52 -37.57 9.77
N LYS A 504 -10.49 -38.12 10.45
CA LYS A 504 -11.75 -38.40 9.84
C LYS A 504 -12.89 -37.51 10.25
N ASN A 505 -13.15 -37.43 11.53
CA ASN A 505 -14.23 -36.65 12.06
C ASN A 505 -13.89 -35.65 13.13
N LEU A 506 -14.37 -34.44 13.01
CA LEU A 506 -14.17 -33.45 14.02
C LEU A 506 -15.14 -33.56 15.18
N TYR A 507 -14.64 -33.46 16.38
CA TYR A 507 -15.40 -33.69 17.56
C TYR A 507 -16.58 -32.75 17.78
N PRO A 508 -17.72 -33.31 18.10
CA PRO A 508 -17.88 -34.76 18.19
C PRO A 508 -18.54 -35.34 16.99
N LYS A 509 -17.89 -36.15 16.24
CA LYS A 509 -18.53 -36.71 15.09
C LYS A 509 -19.02 -35.78 13.98
N LYS A 510 -18.25 -34.81 13.57
CA LYS A 510 -18.58 -34.07 12.40
C LYS A 510 -17.62 -34.47 11.28
N PRO A 511 -18.17 -34.92 10.18
CA PRO A 511 -17.34 -35.38 9.09
C PRO A 511 -16.51 -34.28 8.52
N LYS A 512 -15.27 -34.59 8.29
CA LYS A 512 -14.27 -33.66 8.01
C LYS A 512 -14.68 -32.93 6.79
N ASP A 513 -15.30 -33.64 5.92
CA ASP A 513 -15.66 -33.15 4.64
C ASP A 513 -16.71 -32.11 4.56
N GLU A 514 -17.71 -32.20 5.41
CA GLU A 514 -18.66 -31.14 5.65
C GLU A 514 -18.20 -29.93 6.35
N ALA A 515 -17.48 -30.16 7.41
CA ALA A 515 -16.96 -29.14 8.24
C ALA A 515 -16.01 -28.29 7.49
N PHE A 516 -15.19 -28.93 6.72
CA PHE A 516 -14.16 -28.26 6.00
C PHE A 516 -14.44 -28.39 4.53
N ARG A 517 -14.76 -27.29 3.91
CA ARG A 517 -15.31 -27.31 2.56
C ARG A 517 -15.07 -25.99 1.89
N ASP A 528 1.65 -36.72 -18.98
CA ASP A 528 0.23 -36.84 -18.71
C ASP A 528 -0.67 -35.91 -19.51
N GLY A 529 -0.56 -34.61 -19.35
CA GLY A 529 -1.47 -33.72 -20.05
C GLY A 529 -1.22 -33.71 -21.55
N ARG A 530 -0.51 -32.75 -22.12
CA ARG A 530 0.22 -31.77 -21.37
C ARG A 530 1.02 -32.48 -20.37
N GLY A 531 2.06 -33.12 -20.83
CA GLY A 531 2.59 -34.21 -20.11
C GLY A 531 3.45 -33.77 -19.01
N VAL A 533 3.63 -33.96 -14.60
CA VAL A 533 3.19 -34.71 -13.46
C VAL A 533 2.74 -33.74 -12.41
N PRO A 534 1.55 -33.87 -11.88
CA PRO A 534 1.04 -32.95 -10.86
C PRO A 534 1.78 -32.93 -9.54
N ALA A 535 1.92 -31.75 -9.00
CA ALA A 535 2.57 -31.53 -7.75
C ALA A 535 1.70 -30.78 -6.81
N THR A 536 1.75 -31.14 -5.54
CA THR A 536 1.03 -30.42 -4.51
C THR A 536 1.84 -30.21 -3.28
N ILE A 537 1.64 -29.12 -2.61
CA ILE A 537 2.02 -28.93 -1.23
C ILE A 537 1.12 -29.71 -0.28
N LYS A 538 1.76 -30.42 0.62
CA LYS A 538 1.12 -31.30 1.51
C LYS A 538 1.80 -31.30 2.82
N MET A 539 1.03 -31.50 3.83
CA MET A 539 1.47 -31.48 5.15
C MET A 539 1.54 -32.85 5.67
N THR A 540 2.64 -33.15 6.33
CA THR A 540 2.96 -34.47 6.71
C THR A 540 3.26 -34.48 8.17
N VAL A 541 2.88 -35.58 8.80
CA VAL A 541 3.17 -35.87 10.17
C VAL A 541 4.15 -37.02 10.25
N GLU A 542 4.65 -37.29 11.43
CA GLU A 542 5.73 -38.23 11.65
C GLU A 542 5.36 -39.53 12.39
N PHE B 21 38.06 16.88 -34.34
CA PHE B 21 37.13 16.76 -33.24
C PHE B 21 36.94 18.13 -32.63
N LYS B 22 37.56 18.34 -31.50
CA LYS B 22 37.83 19.66 -30.99
C LYS B 22 38.98 20.25 -31.79
N THR B 23 39.71 19.38 -32.46
CA THR B 23 40.78 19.77 -33.36
C THR B 23 40.27 20.54 -34.58
N GLY B 24 39.19 20.09 -35.19
CA GLY B 24 38.58 20.79 -36.31
C GLY B 24 38.06 22.14 -35.89
N LEU B 25 37.49 22.19 -34.70
CA LEU B 25 37.05 23.41 -34.07
C LEU B 25 38.22 24.32 -33.77
N ARG B 26 39.36 23.72 -33.50
CA ARG B 26 40.57 24.45 -33.27
C ARG B 26 40.92 25.20 -34.51
N ARG B 27 40.63 24.62 -35.64
CA ARG B 27 40.89 25.28 -36.89
C ARG B 27 40.03 26.51 -37.03
N LEU B 28 38.79 26.37 -36.67
CA LEU B 28 37.83 27.43 -36.78
C LEU B 28 38.19 28.58 -35.90
N GLN B 29 38.80 28.29 -34.79
CA GLN B 29 39.28 29.32 -33.93
C GLN B 29 40.43 30.11 -34.51
N HIS B 30 41.35 29.38 -35.12
CA HIS B 30 42.54 29.96 -35.70
C HIS B 30 42.23 30.88 -36.85
N ARG B 31 41.26 30.52 -37.65
CA ARG B 31 40.79 31.35 -38.72
C ARG B 31 40.12 32.64 -38.37
N VAL B 32 39.33 32.65 -37.33
CA VAL B 32 38.67 33.84 -36.91
C VAL B 32 39.73 34.81 -36.54
N GLY B 33 40.75 34.31 -35.86
CA GLY B 33 41.82 35.14 -35.40
C GLY B 33 42.56 35.79 -36.54
N GLU B 34 42.75 35.07 -37.62
CA GLU B 34 43.37 35.61 -38.80
C GLU B 34 42.60 36.68 -39.50
N ILE B 35 41.34 36.41 -39.73
CA ILE B 35 40.48 37.38 -40.38
C ILE B 35 40.37 38.62 -39.53
N HIS B 36 40.53 38.42 -38.25
CA HIS B 36 40.67 39.46 -37.28
C HIS B 36 41.94 40.26 -37.44
N LEU B 37 43.01 39.54 -37.74
CA LEU B 37 44.32 40.07 -38.06
C LEU B 37 44.33 40.77 -39.40
N LEU B 38 43.53 40.27 -40.29
CA LEU B 38 43.49 40.75 -41.62
C LEU B 38 42.53 41.93 -41.69
N ARG B 39 42.27 42.51 -40.54
CA ARG B 39 41.26 43.52 -40.39
C ARG B 39 41.82 44.93 -40.24
N GLU B 40 42.99 45.14 -40.78
CA GLU B 40 43.62 46.42 -40.89
C GLU B 40 44.07 46.42 -42.32
N ALA B 41 43.41 47.18 -43.19
CA ALA B 41 42.42 48.20 -42.85
C ALA B 41 42.98 49.21 -41.87
N LEU B 42 44.28 49.43 -42.04
CA LEU B 42 45.03 50.48 -41.40
C LEU B 42 45.51 51.42 -42.47
N ALA B 71 41.27 37.69 -50.45
CA ALA B 71 40.81 38.84 -49.68
C ALA B 71 39.96 38.43 -48.50
N MET B 72 38.67 38.35 -48.75
CA MET B 72 37.72 37.92 -47.76
C MET B 72 37.08 36.63 -48.25
N LEU B 73 37.95 35.85 -48.87
CA LEU B 73 37.77 34.45 -49.15
C LEU B 73 38.00 33.65 -47.89
N LEU B 74 38.33 34.34 -46.83
CA LEU B 74 38.45 33.71 -45.54
C LEU B 74 37.10 33.20 -45.12
N GLN B 75 36.05 33.87 -45.55
CA GLN B 75 34.72 33.35 -45.29
C GLN B 75 34.29 32.33 -46.32
N GLU B 76 35.15 31.37 -46.46
CA GLU B 76 34.94 29.96 -46.52
C GLU B 76 34.97 29.37 -45.11
N THR B 77 35.32 30.23 -44.18
CA THR B 77 35.25 30.03 -42.75
C THR B 77 33.86 29.85 -42.30
N THR B 78 32.94 30.49 -42.97
CA THR B 78 31.57 30.23 -42.76
C THR B 78 31.18 28.83 -43.15
N GLY B 79 31.74 28.32 -44.22
CA GLY B 79 31.54 26.95 -44.64
C GLY B 79 32.11 25.90 -43.73
N GLU B 80 33.27 26.22 -43.20
CA GLU B 80 34.01 25.47 -42.24
C GLU B 80 33.24 25.39 -40.95
N LEU B 81 32.47 26.42 -40.68
CA LEU B 81 31.46 26.43 -39.66
C LEU B 81 30.23 25.65 -39.95
N GLU B 82 29.76 25.74 -41.18
CA GLU B 82 28.57 25.08 -41.65
C GLU B 82 28.73 23.60 -41.61
N ALA B 83 29.91 23.14 -41.93
CA ALA B 83 30.29 21.78 -41.86
C ALA B 83 30.31 21.22 -40.47
N ALA B 84 30.84 22.01 -39.56
CA ALA B 84 30.83 21.76 -38.14
C ALA B 84 29.48 21.76 -37.53
N LYS B 85 28.62 22.59 -38.01
CA LYS B 85 27.24 22.56 -37.61
C LYS B 85 26.41 21.35 -38.02
N ALA B 86 26.55 20.93 -39.25
CA ALA B 86 25.90 19.75 -39.74
C ALA B 86 26.37 18.60 -38.94
N LEU B 87 27.60 18.68 -38.51
CA LEU B 87 28.22 17.67 -37.77
C LEU B 87 27.65 17.45 -36.42
N VAL B 88 27.33 18.51 -35.74
CA VAL B 88 26.71 18.46 -34.45
C VAL B 88 25.30 17.96 -34.50
N LEU B 89 24.60 18.34 -35.52
CA LEU B 89 23.25 17.96 -35.69
C LEU B 89 23.15 16.48 -35.84
N LYS B 90 24.16 15.91 -36.47
CA LYS B 90 24.36 14.50 -36.63
C LYS B 90 24.58 13.76 -35.36
N ARG B 91 25.40 14.31 -34.51
CA ARG B 91 25.62 13.83 -33.20
C ARG B 91 24.37 13.90 -32.37
N ILE B 92 23.59 14.94 -32.54
CA ILE B 92 22.34 15.08 -31.86
C ILE B 92 21.29 14.02 -32.21
N GLN B 93 21.23 13.66 -33.47
CA GLN B 93 20.51 12.54 -33.97
C GLN B 93 21.00 11.21 -33.47
N ILE B 94 22.29 11.05 -33.33
CA ILE B 94 22.89 9.86 -32.76
C ILE B 94 22.52 9.64 -31.32
N TRP B 95 22.51 10.69 -30.54
CA TRP B 95 22.06 10.68 -29.16
C TRP B 95 20.60 10.33 -28.96
N LYS B 96 19.77 10.82 -29.84
CA LYS B 96 18.41 10.44 -29.86
C LYS B 96 18.15 9.02 -30.21
N ARG B 97 18.89 8.45 -31.10
CA ARG B 97 18.80 7.07 -31.40
C ARG B 97 19.21 6.24 -30.22
N GLN B 98 20.24 6.67 -29.55
CA GLN B 98 20.71 6.03 -28.37
C GLN B 98 19.73 6.04 -27.27
N GLN B 99 19.07 7.15 -27.07
CA GLN B 99 18.01 7.35 -26.15
C GLN B 99 16.74 6.59 -26.48
N GLN B 100 16.45 6.43 -27.74
CA GLN B 100 15.39 5.59 -28.18
C GLN B 100 15.61 4.13 -27.85
N LEU B 101 16.78 3.60 -28.08
CA LEU B 101 17.12 2.25 -27.71
C LEU B 101 17.20 2.00 -26.22
N ALA B 102 17.50 3.01 -25.46
CA ALA B 102 17.47 2.94 -24.05
C ALA B 102 16.08 2.79 -23.50
N GLY B 103 15.10 3.07 -24.30
CA GLY B 103 13.72 2.89 -23.99
C GLY B 103 13.36 1.47 -23.82
N ASN B 104 14.21 0.64 -24.38
CA ASN B 104 14.10 -0.78 -24.42
C ASN B 104 15.12 -1.51 -23.55
N GLY B 105 15.92 -0.79 -22.81
CA GLY B 105 16.92 -1.41 -21.99
C GLY B 105 18.35 -1.45 -22.41
N ALA B 106 18.65 -0.67 -23.41
CA ALA B 106 20.00 -0.37 -23.76
C ALA B 106 20.73 0.59 -22.82
N PRO B 107 22.06 0.46 -22.82
CA PRO B 107 22.90 1.23 -21.96
C PRO B 107 23.15 2.54 -22.53
N PHE B 108 22.75 3.55 -21.77
CA PHE B 108 22.73 4.91 -22.18
C PHE B 108 23.44 5.71 -21.13
N GLU B 109 24.75 5.63 -21.09
CA GLU B 109 25.44 6.54 -20.22
C GLU B 109 25.91 7.77 -20.91
N GLU B 110 24.98 8.46 -21.54
CA GLU B 110 25.26 9.67 -22.24
C GLU B 110 24.62 10.85 -21.62
N SER B 111 25.46 11.73 -21.13
CA SER B 111 25.10 13.07 -20.78
C SER B 111 25.01 13.98 -21.96
N LEU B 112 24.24 15.01 -21.82
CA LEU B 112 24.08 15.99 -22.83
C LEU B 112 25.05 17.10 -22.72
N ALA B 113 25.88 17.08 -21.74
CA ALA B 113 26.87 18.09 -21.53
C ALA B 113 27.90 18.24 -22.60
N PRO B 114 28.34 17.15 -23.17
CA PRO B 114 29.27 17.22 -24.27
C PRO B 114 28.78 17.88 -25.51
N LEU B 115 27.57 17.57 -25.91
CA LEU B 115 26.86 18.19 -26.99
C LEU B 115 26.59 19.68 -26.77
N GLN B 116 26.33 20.10 -25.56
CA GLN B 116 26.19 21.49 -25.19
C GLN B 116 27.44 22.31 -25.36
N GLU B 117 28.54 21.73 -24.98
CA GLU B 117 29.79 22.38 -24.91
C GLU B 117 30.29 22.78 -26.23
N ARG B 118 30.10 21.85 -27.13
CA ARG B 118 30.37 21.96 -28.52
C ARG B 118 29.53 22.94 -29.26
N CYS B 119 28.26 22.98 -28.92
CA CYS B 119 27.28 23.92 -29.42
C CYS B 119 27.56 25.30 -29.02
N GLU B 120 27.93 25.48 -27.78
CA GLU B 120 28.33 26.77 -27.28
C GLU B 120 29.56 27.33 -27.96
N SER B 121 30.49 26.46 -28.28
CA SER B 121 31.70 26.72 -28.96
C SER B 121 31.53 27.19 -30.35
N LEU B 122 30.59 26.62 -31.07
CA LEU B 122 30.21 27.05 -32.38
C LEU B 122 29.54 28.40 -32.44
N VAL B 123 28.73 28.74 -31.44
CA VAL B 123 28.11 30.04 -31.31
C VAL B 123 29.13 31.12 -31.12
N ASP B 124 30.13 30.79 -30.36
CA ASP B 124 31.21 31.68 -30.10
C ASP B 124 31.96 31.98 -31.37
N ILE B 125 32.15 31.01 -32.23
CA ILE B 125 32.67 31.22 -33.55
C ILE B 125 31.76 32.06 -34.39
N TYR B 126 30.47 31.83 -34.30
CA TYR B 126 29.51 32.60 -35.04
C TYR B 126 29.45 34.08 -34.64
N SER B 127 29.51 34.38 -33.37
CA SER B 127 29.36 35.73 -32.90
C SER B 127 30.46 36.61 -33.40
N GLN B 128 31.65 36.04 -33.43
CA GLN B 128 32.86 36.60 -33.95
C GLN B 128 32.85 36.85 -35.44
N LEU B 129 32.33 35.91 -36.18
CA LEU B 129 32.09 36.04 -37.58
C LEU B 129 31.05 37.08 -37.84
N GLN B 130 30.03 37.14 -37.03
CA GLN B 130 29.07 38.22 -37.12
C GLN B 130 29.61 39.60 -36.79
N GLN B 131 30.35 39.73 -35.72
CA GLN B 131 30.78 41.05 -35.36
C GLN B 131 31.73 41.51 -36.40
N GLU B 132 32.63 40.64 -36.81
CA GLU B 132 33.42 40.88 -37.98
C GLU B 132 32.30 40.81 -38.92
N VAL B 133 32.41 41.44 -40.08
CA VAL B 133 31.27 41.73 -40.94
C VAL B 133 30.34 42.73 -40.27
N ALA B 146 27.46 40.95 -46.26
CA ALA B 146 26.85 40.92 -47.55
C ALA B 146 25.69 39.93 -47.69
N SER B 147 25.96 38.72 -48.18
CA SER B 147 25.01 37.62 -48.20
C SER B 147 25.34 36.60 -47.12
N LEU B 148 26.58 36.63 -46.70
CA LEU B 148 27.05 35.71 -45.72
C LEU B 148 26.27 35.91 -44.47
N THR B 149 25.70 37.09 -44.33
CA THR B 149 24.99 37.41 -43.13
C THR B 149 23.80 36.52 -42.99
N GLY B 150 23.15 36.26 -44.09
CA GLY B 150 22.04 35.37 -44.11
C GLY B 150 22.54 34.03 -43.73
N ARG B 151 23.73 33.70 -44.20
CA ARG B 151 24.25 32.39 -43.97
C ARG B 151 24.48 32.03 -42.53
N LEU B 152 25.18 32.88 -41.82
CA LEU B 152 25.45 32.67 -40.45
C LEU B 152 24.21 32.67 -39.62
N ASP B 153 23.33 33.59 -39.92
CA ASP B 153 22.09 33.70 -39.18
C ASP B 153 21.23 32.48 -39.39
N GLU B 154 21.35 31.86 -40.55
CA GLU B 154 20.84 30.53 -40.85
C GLU B 154 21.50 29.44 -40.05
N VAL B 155 22.80 29.56 -39.82
CA VAL B 155 23.51 28.61 -39.00
C VAL B 155 22.96 28.66 -37.60
N LEU B 156 22.71 29.85 -37.12
CA LEU B 156 22.22 30.04 -35.81
C LEU B 156 20.84 29.56 -35.55
N ARG B 157 19.91 29.82 -36.43
CA ARG B 157 18.57 29.32 -36.26
C ARG B 157 18.45 27.81 -36.34
N THR B 158 19.27 27.21 -37.16
CA THR B 158 19.31 25.79 -37.29
C THR B 158 19.80 25.14 -36.08
N LEU B 159 20.85 25.69 -35.51
CA LEU B 159 21.45 25.18 -34.33
C LEU B 159 20.55 25.31 -33.16
N VAL B 160 19.84 26.42 -33.08
CA VAL B 160 18.94 26.67 -32.00
C VAL B 160 17.75 25.75 -31.98
N THR B 161 17.17 25.48 -33.12
CA THR B 161 16.08 24.54 -33.21
C THR B 161 16.43 23.09 -32.89
N SER B 162 17.64 22.71 -33.22
CA SER B 162 18.18 21.41 -33.00
C SER B 162 18.65 21.26 -31.58
N CYS B 163 18.61 22.33 -30.84
CA CYS B 163 19.11 22.35 -29.49
C CYS B 163 18.08 22.17 -28.47
N PHE B 164 16.86 22.10 -28.88
CA PHE B 164 15.77 21.91 -27.99
C PHE B 164 15.37 20.46 -28.04
N LEU B 165 15.62 19.75 -26.95
CA LEU B 165 15.49 18.32 -26.90
C LEU B 165 14.69 17.86 -25.74
N VAL B 166 13.95 16.79 -25.89
CA VAL B 166 13.42 16.08 -24.75
C VAL B 166 14.52 15.29 -24.07
N GLU B 167 14.76 15.61 -22.81
CA GLU B 167 15.81 15.02 -22.02
C GLU B 167 15.37 13.96 -21.08
N LYS B 168 14.26 14.13 -20.44
CA LYS B 168 13.63 13.05 -19.80
C LYS B 168 12.36 12.75 -20.51
N GLN B 169 12.37 11.63 -21.20
CA GLN B 169 11.26 11.17 -21.94
C GLN B 169 10.20 10.73 -21.05
N PRO B 170 8.97 10.88 -21.45
CA PRO B 170 7.85 10.39 -20.70
C PRO B 170 7.55 8.90 -20.80
N PRO B 171 6.67 8.38 -19.96
CA PRO B 171 6.26 6.99 -20.09
C PRO B 171 5.63 6.73 -21.41
N GLN B 172 6.08 5.70 -22.07
CA GLN B 172 5.71 5.44 -23.41
C GLN B 172 4.55 4.58 -23.45
N VAL B 173 4.33 3.80 -22.44
CA VAL B 173 3.02 3.31 -22.14
C VAL B 173 2.51 4.08 -20.98
N LEU B 174 1.55 4.92 -21.27
CA LEU B 174 1.03 5.87 -20.34
C LEU B 174 -0.44 5.69 -20.06
N LYS B 175 -0.77 5.50 -18.81
CA LYS B 175 -2.14 5.36 -18.37
C LYS B 175 -2.83 6.69 -18.06
N THR B 176 -4.13 6.73 -18.29
CA THR B 176 -4.87 7.93 -18.06
C THR B 176 -4.98 8.20 -16.62
N GLN B 177 -5.13 9.46 -16.25
CA GLN B 177 -5.38 9.83 -14.88
C GLN B 177 -4.29 9.37 -13.95
N THR B 178 -3.07 9.43 -14.44
CA THR B 178 -1.89 9.06 -13.70
C THR B 178 -0.84 10.13 -13.89
N LYS B 179 -0.14 10.45 -12.83
CA LYS B 179 0.87 11.48 -12.79
C LYS B 179 2.13 11.11 -13.53
N PHE B 180 2.61 12.00 -14.39
CA PHE B 180 3.80 11.70 -15.16
C PHE B 180 4.80 12.85 -15.32
N GLN B 181 5.98 12.54 -15.82
CA GLN B 181 7.03 13.52 -16.01
C GLN B 181 7.69 13.49 -17.37
N ALA B 182 8.11 14.65 -17.81
CA ALA B 182 9.00 14.84 -18.92
C ALA B 182 9.85 16.05 -18.65
N GLY B 183 10.91 16.21 -19.39
CA GLY B 183 11.74 17.37 -19.33
C GLY B 183 12.40 17.68 -20.64
N VAL B 184 12.44 18.95 -20.96
CA VAL B 184 13.03 19.48 -22.16
C VAL B 184 14.17 20.34 -21.73
N ARG B 185 15.20 20.36 -22.52
CA ARG B 185 16.37 21.09 -22.20
C ARG B 185 16.82 21.85 -23.43
N PHE B 186 17.33 23.04 -23.26
CA PHE B 186 17.80 23.82 -24.36
C PHE B 186 19.28 23.92 -24.17
N LEU B 187 20.06 23.45 -25.12
CA LEU B 187 21.50 23.48 -25.01
C LEU B 187 22.13 24.84 -24.97
N LEU B 188 21.57 25.77 -25.70
CA LEU B 188 22.17 27.08 -25.84
C LEU B 188 21.56 28.15 -25.01
N GLY B 189 20.74 27.76 -24.07
CA GLY B 189 20.04 28.61 -23.16
C GLY B 189 20.92 29.39 -22.24
N LEU B 190 22.13 28.94 -22.09
CA LEU B 190 23.08 29.65 -21.30
C LEU B 190 23.86 30.63 -22.19
N ARG B 191 23.37 30.90 -23.37
CA ARG B 191 23.95 31.94 -24.17
C ARG B 191 22.89 32.91 -24.49
N PHE B 192 21.65 32.49 -24.53
CA PHE B 192 20.60 33.36 -25.03
C PHE B 192 19.51 33.79 -24.11
N LEU B 193 19.40 33.14 -22.99
CA LEU B 193 18.40 33.48 -22.04
C LEU B 193 19.06 33.90 -20.78
N GLY B 194 18.27 34.03 -19.75
CA GLY B 194 18.77 34.44 -18.48
C GLY B 194 17.99 35.59 -17.96
N ALA B 195 18.53 36.23 -16.94
CA ALA B 195 17.80 37.10 -16.07
C ALA B 195 17.19 38.34 -16.70
N PRO B 196 17.90 39.05 -17.56
CA PRO B 196 17.33 40.31 -18.00
C PRO B 196 16.02 40.03 -18.68
N ALA B 197 15.96 39.10 -19.61
CA ALA B 197 14.69 38.79 -20.25
C ALA B 197 14.11 37.61 -19.57
N LYS B 198 12.82 37.68 -19.35
CA LYS B 198 12.05 36.69 -18.63
C LYS B 198 12.03 35.39 -19.34
N PRO B 199 12.11 34.32 -18.59
CA PRO B 199 12.22 32.98 -19.17
C PRO B 199 11.02 32.52 -19.99
N PRO B 200 11.23 31.97 -21.17
CA PRO B 200 10.14 31.56 -22.04
C PRO B 200 9.37 30.36 -21.55
N LEU B 201 8.08 30.30 -21.80
CA LEU B 201 7.29 29.28 -21.18
C LEU B 201 7.04 28.09 -22.05
N VAL B 202 7.32 26.91 -21.55
CA VAL B 202 7.25 25.72 -22.36
C VAL B 202 5.97 24.99 -22.08
N ARG B 203 5.29 24.65 -23.14
CA ARG B 203 3.98 24.13 -23.05
C ARG B 203 4.09 22.67 -23.37
N ALA B 204 3.19 21.85 -22.88
CA ALA B 204 3.17 20.46 -23.25
C ALA B 204 1.85 20.14 -23.89
N ASP B 205 1.84 19.61 -25.09
CA ASP B 205 0.58 19.30 -25.72
C ASP B 205 0.59 18.01 -26.44
N MET B 206 -0.33 17.13 -26.12
CA MET B 206 -0.39 15.81 -26.69
C MET B 206 -0.78 15.89 -28.13
N VAL B 207 -0.22 15.05 -28.96
CA VAL B 207 -0.55 15.08 -30.35
C VAL B 207 -0.68 13.71 -30.97
N THR B 208 -1.52 13.59 -31.97
CA THR B 208 -1.66 12.39 -32.77
C THR B 208 -0.56 12.24 -33.81
N GLU B 209 -0.38 11.06 -34.36
CA GLU B 209 0.59 10.79 -35.37
C GLU B 209 0.35 11.66 -36.59
N LYS B 210 -0.90 11.98 -36.83
CA LYS B 210 -1.28 12.82 -37.94
C LYS B 210 -0.76 14.23 -37.87
N GLN B 211 -0.93 14.83 -36.70
CA GLN B 211 -0.42 16.11 -36.32
C GLN B 211 1.09 16.22 -36.26
N ALA B 212 1.74 15.16 -35.86
CA ALA B 212 3.17 15.12 -35.71
C ALA B 212 3.87 15.08 -37.03
N ARG B 213 3.20 14.57 -38.02
CA ARG B 213 3.61 14.74 -39.37
C ARG B 213 3.31 16.15 -39.85
N GLU B 214 2.63 16.91 -39.01
CA GLU B 214 2.24 18.27 -39.26
C GLU B 214 1.60 18.31 -40.61
N GLU B 230 -5.14 17.64 -23.40
CA GLU B 230 -5.80 16.85 -22.41
C GLU B 230 -4.98 16.83 -21.15
N ILE B 231 -3.70 17.16 -21.30
CA ILE B 231 -2.75 17.25 -20.19
C ILE B 231 -2.91 18.45 -19.28
N ILE B 232 -2.79 18.22 -17.99
CA ILE B 232 -2.87 19.25 -16.99
C ILE B 232 -1.52 19.57 -16.43
N ASN B 233 -1.33 20.79 -15.96
CA ASN B 233 -0.03 21.21 -15.55
C ASN B 233 0.95 21.23 -16.68
N ASN B 234 0.51 21.76 -17.79
CA ASN B 234 1.28 21.70 -19.00
C ASN B 234 2.16 22.89 -19.32
N THR B 235 2.35 23.82 -18.40
CA THR B 235 3.23 24.93 -18.65
C THR B 235 4.24 25.08 -17.58
N VAL B 236 5.46 25.35 -18.01
CA VAL B 236 6.60 25.45 -17.15
C VAL B 236 7.54 26.46 -17.78
N PRO B 237 8.15 27.29 -17.02
CA PRO B 237 9.18 28.15 -17.58
C PRO B 237 10.47 27.42 -17.94
N LEU B 238 11.14 27.83 -19.00
CA LEU B 238 12.42 27.24 -19.34
C LEU B 238 13.53 28.00 -18.70
N GLU B 239 14.14 27.43 -17.67
CA GLU B 239 15.04 28.16 -16.79
C GLU B 239 16.50 27.82 -16.71
N ASN B 240 17.34 28.81 -16.48
CA ASN B 240 18.76 28.61 -16.24
C ASN B 240 19.18 28.14 -14.85
N SER B 241 20.20 27.31 -14.78
CA SER B 241 20.93 27.00 -13.57
C SER B 241 22.35 27.19 -13.91
N ILE B 242 22.97 28.16 -13.31
CA ILE B 242 24.38 28.29 -13.36
C ILE B 242 25.09 27.17 -12.64
N PRO B 243 24.58 26.76 -11.52
CA PRO B 243 25.08 25.56 -10.85
C PRO B 243 24.83 24.29 -11.60
N GLY B 244 23.66 24.19 -12.12
CA GLY B 244 23.25 23.15 -13.02
C GLY B 244 23.91 23.07 -14.35
N ASN B 245 24.47 24.16 -14.82
CA ASN B 245 25.10 24.26 -16.11
C ASN B 245 24.18 23.88 -17.24
N CYS B 246 22.94 24.30 -17.16
CA CYS B 246 21.93 23.90 -18.11
C CYS B 246 20.75 24.84 -18.27
N CYS B 247 20.01 24.65 -19.33
CA CYS B 247 18.73 25.25 -19.43
C CYS B 247 17.63 24.24 -19.66
N SER B 248 16.73 24.13 -18.72
CA SER B 248 15.69 23.15 -18.78
C SER B 248 14.34 23.57 -18.25
N ALA B 249 13.31 22.90 -18.73
CA ALA B 249 12.01 22.96 -18.16
C ALA B 249 11.61 21.58 -17.80
N LEU B 250 11.35 21.34 -16.55
CA LEU B 250 10.95 20.04 -16.14
C LEU B 250 9.51 20.00 -15.66
N PHE B 251 8.72 19.08 -16.20
CA PHE B 251 7.36 18.95 -15.76
C PHE B 251 7.23 17.81 -14.78
N LYS B 252 7.24 18.17 -13.53
CA LYS B 252 7.04 17.30 -12.42
C LYS B 252 5.67 16.75 -12.27
N ASN B 253 4.66 17.50 -12.64
CA ASN B 253 3.31 17.23 -12.25
C ASN B 253 2.27 16.90 -13.31
N LEU B 254 2.74 16.48 -14.45
CA LEU B 254 1.93 16.17 -15.60
C LEU B 254 0.97 15.05 -15.37
N LEU B 255 -0.23 15.19 -15.91
CA LEU B 255 -1.25 14.20 -15.78
C LEU B 255 -2.07 14.34 -17.01
N LEU B 256 -2.67 13.27 -17.46
CA LEU B 256 -3.45 13.27 -18.67
C LEU B 256 -4.87 12.77 -18.46
N LYS B 257 -5.79 13.43 -19.14
CA LYS B 257 -7.17 13.06 -19.13
C LYS B 257 -7.79 13.38 -20.46
N GLU B 272 -1.57 -0.12 -29.51
CA GLU B 272 -1.26 -0.04 -30.92
C GLU B 272 -1.31 1.38 -31.46
N GLU B 273 -2.20 2.25 -30.98
CA GLU B 273 -2.32 3.58 -31.61
C GLU B 273 -1.43 4.63 -31.00
N LYS B 274 -0.47 5.07 -31.78
CA LYS B 274 0.62 5.95 -31.40
C LYS B 274 0.38 7.44 -31.31
N CYS B 275 1.03 8.06 -30.34
CA CYS B 275 1.00 9.49 -30.22
C CYS B 275 2.18 10.03 -29.48
N ALA B 276 2.33 11.33 -29.42
CA ALA B 276 3.44 12.00 -28.78
C ALA B 276 3.03 13.20 -28.00
N VAL B 277 3.93 13.74 -27.20
CA VAL B 277 3.79 15.03 -26.56
C VAL B 277 4.67 16.00 -27.28
N LEU B 278 4.10 16.99 -27.90
CA LEU B 278 4.86 18.09 -28.40
C LEU B 278 5.12 19.16 -27.32
N PHE B 279 6.33 19.61 -27.24
CA PHE B 279 6.72 20.56 -26.25
C PHE B 279 7.03 21.76 -27.05
N SER B 280 6.60 22.91 -26.60
CA SER B 280 6.62 24.09 -27.41
C SER B 280 6.99 25.35 -26.67
N ALA B 281 7.97 26.06 -27.20
CA ALA B 281 8.31 27.38 -26.69
C ALA B 281 8.81 28.37 -27.74
N SER B 282 8.50 29.63 -27.56
CA SER B 282 9.04 30.64 -28.47
C SER B 282 9.96 31.57 -27.79
N PHE B 283 10.96 32.04 -28.54
CA PHE B 283 11.90 32.99 -27.99
C PHE B 283 12.65 33.84 -29.00
N THR B 284 12.85 35.09 -28.68
CA THR B 284 13.60 35.96 -29.52
C THR B 284 14.92 36.25 -28.87
N LEU B 285 15.95 36.38 -29.67
CA LEU B 285 17.26 36.53 -29.16
C LEU B 285 17.88 37.86 -29.57
N LEU B 290 14.11 39.05 -33.59
CA LEU B 290 12.87 38.41 -34.00
C LEU B 290 12.66 37.03 -33.44
N PRO B 291 11.42 36.63 -33.20
CA PRO B 291 11.15 35.50 -32.32
C PRO B 291 11.10 34.10 -32.95
N ILE B 292 11.77 33.16 -32.33
CA ILE B 292 11.83 31.82 -32.86
C ILE B 292 11.11 30.81 -32.05
N GLN B 293 10.44 29.92 -32.73
CA GLN B 293 9.64 28.96 -32.07
C GLN B 293 10.28 27.58 -32.00
N LEU B 294 10.29 27.04 -30.81
CA LEU B 294 10.96 25.79 -30.51
C LEU B 294 10.00 24.67 -30.25
N GLN B 295 10.22 23.60 -30.95
CA GLN B 295 9.46 22.40 -30.77
C GLN B 295 10.23 21.13 -30.55
N ALA B 296 9.93 20.42 -29.49
CA ALA B 296 10.39 19.06 -29.32
C ALA B 296 9.27 18.08 -29.28
N LEU B 297 9.39 17.08 -30.10
CA LEU B 297 8.51 15.96 -30.15
C LEU B 297 9.08 14.82 -29.37
N SER B 298 8.27 14.25 -28.50
CA SER B 298 8.64 13.17 -27.61
C SER B 298 8.71 11.90 -28.37
N LEU B 299 9.20 10.85 -27.78
CA LEU B 299 9.12 9.54 -28.33
C LEU B 299 7.67 9.16 -28.34
N PRO B 300 7.26 8.31 -29.26
CA PRO B 300 5.86 7.91 -29.34
C PRO B 300 5.31 7.19 -28.14
N LEU B 301 4.05 7.41 -27.82
CA LEU B 301 3.41 6.81 -26.70
C LEU B 301 2.25 6.03 -27.14
N VAL B 302 1.85 5.12 -26.31
CA VAL B 302 0.54 4.51 -26.36
C VAL B 302 -0.19 4.75 -25.03
N VAL B 303 -1.33 5.38 -25.16
CA VAL B 303 -2.21 5.60 -24.05
C VAL B 303 -3.17 4.46 -23.89
N ILE B 304 -3.33 4.01 -22.67
CA ILE B 304 -4.19 2.91 -22.32
C ILE B 304 -5.07 3.29 -21.16
N VAL B 305 -6.15 2.60 -20.93
CA VAL B 305 -6.88 2.76 -19.67
C VAL B 305 -6.71 1.49 -18.88
N HIS B 306 -6.35 1.65 -17.64
CA HIS B 306 -5.71 0.63 -16.81
C HIS B 306 -5.93 -0.82 -17.14
N GLY B 307 -6.94 -1.43 -16.54
CA GLY B 307 -7.16 -2.85 -16.71
C GLY B 307 -8.49 -3.25 -17.30
N ASN B 308 -8.47 -3.89 -18.45
CA ASN B 308 -7.27 -4.40 -19.08
C ASN B 308 -6.36 -3.34 -19.63
N GLN B 309 -5.20 -3.82 -20.04
CA GLN B 309 -4.08 -2.94 -20.21
C GLN B 309 -3.10 -3.14 -21.39
N ASP B 310 -1.86 -3.42 -21.03
CA ASP B 310 -0.70 -3.01 -21.77
C ASP B 310 0.24 -3.96 -22.53
N ASN B 311 -0.10 -5.22 -22.66
CA ASN B 311 0.77 -6.16 -23.32
C ASN B 311 0.98 -5.81 -24.75
N ASN B 312 -0.08 -5.42 -25.41
CA ASN B 312 -0.01 -4.96 -26.74
C ASN B 312 0.72 -3.68 -26.93
N ALA B 313 0.46 -2.78 -26.04
CA ALA B 313 1.10 -1.50 -25.97
C ALA B 313 2.57 -1.59 -25.73
N LYS B 314 2.98 -2.49 -24.89
CA LYS B 314 4.36 -2.77 -24.67
C LYS B 314 5.10 -3.33 -25.84
N ALA B 315 4.48 -4.17 -26.62
CA ALA B 315 5.01 -4.70 -27.85
C ALA B 315 5.28 -3.68 -28.94
N THR B 316 4.39 -2.74 -29.06
CA THR B 316 4.44 -1.61 -29.93
C THR B 316 5.55 -0.65 -29.64
N ILE B 317 5.76 -0.30 -28.39
CA ILE B 317 6.83 0.56 -27.99
C ILE B 317 8.15 -0.14 -28.23
N LEU B 318 8.21 -1.39 -27.88
CA LEU B 318 9.35 -2.16 -28.14
C LEU B 318 9.75 -2.32 -29.58
N TRP B 319 8.82 -2.51 -30.49
CA TRP B 319 9.11 -2.52 -31.89
C TRP B 319 9.60 -1.22 -32.54
N ASP B 320 8.96 -0.12 -32.19
CA ASP B 320 9.30 1.19 -32.62
C ASP B 320 10.64 1.66 -32.13
N ASN B 321 10.93 1.37 -30.88
CA ASN B 321 12.18 1.69 -30.31
C ASN B 321 13.27 0.94 -30.88
N ALA B 322 13.05 -0.31 -31.12
CA ALA B 322 14.04 -1.12 -31.70
C ALA B 322 14.37 -0.85 -33.11
N PHE B 323 13.37 -0.76 -33.94
CA PHE B 323 13.57 -0.91 -35.34
C PHE B 323 13.37 0.33 -36.17
N SER B 324 13.22 1.43 -35.48
CA SER B 324 13.07 2.73 -36.08
C SER B 324 14.22 3.28 -36.92
N GLU B 325 13.90 4.06 -37.93
CA GLU B 325 14.92 4.73 -38.70
C GLU B 325 15.18 6.09 -38.11
N MET B 326 16.40 6.53 -38.17
CA MET B 326 16.78 7.71 -37.50
C MET B 326 16.04 8.91 -38.02
N ASP B 327 15.87 8.95 -39.30
CA ASP B 327 15.32 10.08 -39.95
C ASP B 327 13.91 9.86 -40.36
N ARG B 328 13.22 8.98 -39.69
CA ARG B 328 11.87 8.61 -40.07
C ARG B 328 10.88 9.73 -40.04
N VAL B 329 9.90 9.56 -40.91
CA VAL B 329 8.67 10.29 -40.89
C VAL B 329 7.83 9.81 -39.75
N PRO B 330 7.27 10.71 -38.99
CA PRO B 330 6.84 10.29 -37.69
C PRO B 330 5.90 9.14 -37.59
N PHE B 331 6.42 8.26 -36.73
CA PHE B 331 5.97 6.96 -36.27
C PHE B 331 5.73 5.90 -37.28
N VAL B 332 6.74 5.71 -38.07
CA VAL B 332 6.78 4.75 -39.11
C VAL B 332 7.87 3.77 -38.72
N VAL B 333 7.56 2.51 -38.82
CA VAL B 333 8.51 1.47 -38.55
C VAL B 333 8.44 0.42 -39.58
N ALA B 334 9.47 -0.36 -39.61
CA ALA B 334 9.57 -1.55 -40.41
C ALA B 334 8.51 -2.56 -40.01
N GLU B 335 8.06 -3.35 -40.94
CA GLU B 335 7.22 -4.44 -40.61
C GLU B 335 8.02 -5.70 -40.43
N ARG B 336 9.15 -5.74 -41.05
CA ARG B 336 9.97 -6.88 -40.93
C ARG B 336 11.40 -6.47 -40.70
N VAL B 337 12.07 -7.23 -39.90
CA VAL B 337 13.33 -6.88 -39.36
C VAL B 337 14.09 -8.14 -39.36
N PRO B 338 15.40 -8.08 -39.32
CA PRO B 338 16.17 -9.29 -39.14
C PRO B 338 16.05 -9.87 -37.74
N TRP B 339 16.03 -11.18 -37.63
CA TRP B 339 15.90 -11.91 -36.40
C TRP B 339 17.04 -11.71 -35.47
N GLU B 340 18.21 -11.45 -36.00
CA GLU B 340 19.41 -11.11 -35.29
C GLU B 340 19.36 -9.83 -34.50
N LYS B 341 18.74 -8.83 -35.08
CA LYS B 341 18.32 -7.60 -34.48
C LYS B 341 17.26 -7.73 -33.43
N MET B 342 16.35 -8.64 -33.64
CA MET B 342 15.34 -9.01 -32.71
C MET B 342 15.85 -9.70 -31.45
N CYS B 343 16.79 -10.59 -31.60
CA CYS B 343 17.38 -11.39 -30.57
C CYS B 343 18.11 -10.55 -29.59
N GLU B 344 18.73 -9.56 -30.12
CA GLU B 344 19.38 -8.50 -29.43
C GLU B 344 18.51 -7.67 -28.58
N THR B 345 17.40 -7.30 -29.14
CA THR B 345 16.43 -6.44 -28.59
C THR B 345 15.82 -7.09 -27.41
N LEU B 346 15.62 -8.36 -27.55
CA LEU B 346 15.16 -9.23 -26.52
C LEU B 346 16.06 -9.54 -25.33
N ASN B 347 17.34 -9.69 -25.57
CA ASN B 347 18.37 -9.85 -24.62
C ASN B 347 18.48 -8.62 -23.78
N LEU B 348 18.41 -7.48 -24.38
CA LEU B 348 18.44 -6.24 -23.67
C LEU B 348 17.24 -5.99 -22.83
N LYS B 349 16.10 -6.44 -23.30
CA LYS B 349 14.85 -6.38 -22.62
C LYS B 349 14.74 -7.21 -21.38
N PHE B 350 15.24 -8.41 -21.46
CA PHE B 350 15.27 -9.39 -20.41
C PHE B 350 16.14 -8.98 -19.27
N MET B 351 17.24 -8.38 -19.61
CA MET B 351 18.16 -7.82 -18.69
C MET B 351 17.59 -6.63 -17.94
N ALA B 352 16.90 -5.77 -18.62
CA ALA B 352 16.26 -4.63 -18.06
C ALA B 352 15.07 -4.86 -17.15
N GLU B 353 14.16 -5.68 -17.60
CA GLU B 353 13.00 -6.05 -16.89
C GLU B 353 13.17 -6.94 -15.73
N VAL B 354 13.92 -7.98 -15.95
CA VAL B 354 14.21 -8.94 -14.95
C VAL B 354 15.10 -8.35 -13.90
N GLY B 355 15.97 -7.48 -14.32
CA GLY B 355 16.98 -6.97 -13.46
C GLY B 355 18.27 -7.69 -13.26
N THR B 356 18.83 -8.21 -14.32
CA THR B 356 19.97 -9.10 -14.31
C THR B 356 20.97 -8.76 -15.38
N ASN B 357 22.18 -9.17 -15.21
CA ASN B 357 23.21 -8.94 -16.17
C ASN B 357 23.58 -10.15 -16.88
N ARG B 358 22.88 -11.22 -16.63
CA ARG B 358 22.95 -12.40 -17.42
C ARG B 358 21.86 -12.35 -18.41
N GLY B 359 22.23 -12.44 -19.67
CA GLY B 359 21.33 -12.42 -20.78
C GLY B 359 21.07 -13.72 -21.42
N LEU B 360 20.58 -13.66 -22.63
CA LEU B 360 20.19 -14.82 -23.40
C LEU B 360 21.26 -15.25 -24.30
N LEU B 361 21.53 -16.51 -24.33
CA LEU B 361 22.50 -17.05 -25.22
C LEU B 361 22.03 -17.46 -26.59
N PRO B 362 22.93 -17.88 -27.45
CA PRO B 362 22.59 -18.41 -28.78
C PRO B 362 21.79 -19.66 -28.76
N GLU B 363 22.08 -20.47 -27.79
CA GLU B 363 21.31 -21.61 -27.42
C GLU B 363 19.93 -21.28 -26.98
N HIS B 364 19.72 -20.17 -26.33
CA HIS B 364 18.40 -19.63 -26.05
C HIS B 364 17.59 -19.13 -27.25
N PHE B 365 18.28 -18.47 -28.14
CA PHE B 365 17.78 -17.93 -29.37
C PHE B 365 17.33 -18.97 -30.33
N LEU B 366 17.95 -20.11 -30.29
CA LEU B 366 17.55 -21.23 -31.01
C LEU B 366 16.20 -21.77 -30.66
N PHE B 367 15.92 -21.97 -29.40
CA PHE B 367 14.64 -22.41 -28.96
C PHE B 367 13.60 -21.40 -29.11
N LEU B 368 14.00 -20.16 -29.12
CA LEU B 368 13.12 -19.06 -29.39
C LEU B 368 12.63 -18.94 -30.79
N ALA B 369 13.56 -19.13 -31.68
CA ALA B 369 13.42 -19.12 -33.10
C ALA B 369 12.57 -20.23 -33.60
N GLN B 370 12.63 -21.35 -32.95
CA GLN B 370 11.81 -22.46 -33.24
C GLN B 370 10.36 -22.18 -33.02
N LYS B 371 10.08 -21.59 -31.91
CA LYS B 371 8.80 -21.12 -31.59
C LYS B 371 8.21 -20.00 -32.43
N ILE B 372 8.93 -18.94 -32.67
CA ILE B 372 8.47 -17.88 -33.51
C ILE B 372 8.26 -18.30 -34.97
N PHE B 373 9.11 -19.16 -35.46
CA PHE B 373 9.13 -19.55 -36.85
C PHE B 373 8.45 -20.85 -37.09
N ASN B 374 8.03 -21.50 -36.05
CA ASN B 374 7.48 -22.84 -36.11
C ASN B 374 8.35 -23.91 -36.82
N ASP B 375 9.54 -24.10 -36.31
CA ASP B 375 10.53 -24.90 -36.94
C ASP B 375 11.25 -25.70 -35.89
N ASN B 376 11.84 -26.81 -36.27
CA ASN B 376 12.43 -27.68 -35.26
C ASN B 376 13.85 -28.00 -35.47
N SER B 377 14.48 -27.34 -36.41
CA SER B 377 15.84 -27.61 -36.74
C SER B 377 16.63 -27.25 -35.54
N LEU B 378 17.69 -27.95 -35.29
CA LEU B 378 18.49 -27.74 -34.12
C LEU B 378 19.78 -27.07 -34.51
N SER B 379 19.71 -26.35 -35.60
CA SER B 379 20.84 -25.65 -36.13
C SER B 379 20.62 -24.18 -36.04
N MET B 380 21.53 -23.51 -35.39
CA MET B 380 21.53 -22.08 -35.27
C MET B 380 21.83 -21.45 -36.60
N GLU B 381 22.39 -22.23 -37.48
CA GLU B 381 22.63 -21.83 -38.84
C GLU B 381 21.33 -21.59 -39.58
N ALA B 382 20.33 -22.39 -39.31
CA ALA B 382 19.08 -22.32 -40.03
C ALA B 382 18.23 -21.12 -39.71
N PHE B 383 18.60 -20.38 -38.68
CA PHE B 383 17.81 -19.34 -38.11
C PHE B 383 18.54 -18.01 -38.06
N GLN B 384 19.81 -18.05 -38.37
CA GLN B 384 20.69 -16.91 -38.32
C GLN B 384 20.43 -15.75 -39.26
N HIS B 385 19.96 -16.06 -40.45
CA HIS B 385 19.62 -15.04 -41.41
C HIS B 385 18.16 -14.86 -41.76
N ARG B 386 17.25 -15.28 -40.92
CA ARG B 386 15.84 -15.06 -41.07
C ARG B 386 15.31 -13.69 -40.81
N SER B 387 14.15 -13.42 -41.34
CA SER B 387 13.47 -12.19 -41.13
C SER B 387 12.28 -12.43 -40.22
N VAL B 388 12.02 -11.49 -39.33
CA VAL B 388 10.81 -11.43 -38.53
C VAL B 388 9.87 -10.31 -38.87
N SER B 389 8.60 -10.59 -38.78
CA SER B 389 7.59 -9.59 -38.88
C SER B 389 6.93 -9.30 -37.60
N TRP B 390 6.17 -8.25 -37.63
CA TRP B 390 5.33 -7.85 -36.56
C TRP B 390 4.24 -8.84 -36.25
N SER B 391 3.75 -9.48 -37.25
CA SER B 391 2.77 -10.48 -37.11
C SER B 391 3.30 -11.69 -36.39
N GLN B 392 4.45 -12.15 -36.78
CA GLN B 392 5.04 -13.29 -36.16
C GLN B 392 5.30 -13.01 -34.68
N PHE B 393 5.75 -11.83 -34.39
CA PHE B 393 5.98 -11.37 -33.04
C PHE B 393 4.81 -11.14 -32.05
N ASN B 394 3.85 -10.31 -32.40
CA ASN B 394 2.70 -10.03 -31.58
C ASN B 394 1.31 -10.23 -32.20
N LYS B 395 1.22 -10.74 -33.40
CA LYS B 395 -0.08 -10.94 -34.02
C LYS B 395 -0.54 -12.32 -34.38
N GLU B 396 0.33 -13.22 -34.74
CA GLU B 396 -0.05 -14.55 -35.07
C GLU B 396 0.23 -15.40 -33.90
N ILE B 397 -0.83 -15.98 -33.41
CA ILE B 397 -0.91 -16.88 -32.30
C ILE B 397 -0.24 -18.16 -32.64
N LEU B 398 0.50 -18.69 -31.69
CA LEU B 398 1.40 -19.78 -31.90
C LEU B 398 0.69 -21.06 -32.08
N LEU B 399 1.30 -21.98 -32.77
CA LEU B 399 0.66 -23.22 -33.04
C LEU B 399 0.50 -24.13 -31.83
N GLY B 400 -0.74 -24.54 -31.63
CA GLY B 400 -1.19 -25.20 -30.46
C GLY B 400 -1.32 -24.40 -29.20
N ARG B 401 -1.32 -23.10 -29.32
CA ARG B 401 -1.37 -22.21 -28.21
C ARG B 401 -2.48 -21.29 -28.40
N GLY B 402 -2.75 -20.54 -27.37
CA GLY B 402 -3.70 -19.46 -27.42
C GLY B 402 -3.11 -18.12 -27.20
N PHE B 403 -1.84 -18.00 -27.38
CA PHE B 403 -1.16 -16.78 -27.14
C PHE B 403 -0.20 -16.53 -28.26
N THR B 404 0.23 -15.28 -28.36
CA THR B 404 1.34 -14.83 -29.15
C THR B 404 2.65 -15.08 -28.55
N PHE B 405 3.68 -14.93 -29.36
CA PHE B 405 5.07 -15.02 -28.98
C PHE B 405 5.54 -14.03 -27.97
N TRP B 406 5.19 -12.75 -28.14
CA TRP B 406 5.40 -11.72 -27.18
C TRP B 406 4.61 -11.88 -25.87
N GLN B 407 3.42 -12.38 -25.97
CA GLN B 407 2.67 -12.70 -24.81
C GLN B 407 3.40 -13.73 -24.01
N TRP B 408 3.93 -14.71 -24.67
CA TRP B 408 4.73 -15.67 -24.04
C TRP B 408 5.98 -15.16 -23.45
N PHE B 409 6.73 -14.37 -24.19
CA PHE B 409 7.97 -13.82 -23.73
C PHE B 409 7.92 -12.85 -22.54
N ASP B 410 6.99 -11.95 -22.60
CA ASP B 410 6.62 -11.07 -21.57
C ASP B 410 6.04 -11.80 -20.39
N GLY B 411 5.44 -12.92 -20.62
CA GLY B 411 5.07 -13.78 -19.55
C GLY B 411 6.19 -14.34 -18.73
N VAL B 412 7.25 -14.80 -19.36
CA VAL B 412 8.51 -15.14 -18.72
C VAL B 412 9.31 -14.03 -18.11
N LEU B 413 9.21 -12.83 -18.62
CA LEU B 413 9.80 -11.69 -18.03
C LEU B 413 9.22 -11.34 -16.69
N ASP B 414 7.91 -11.38 -16.59
CA ASP B 414 7.13 -11.09 -15.44
C ASP B 414 7.42 -12.03 -14.33
N LEU B 415 7.45 -13.29 -14.69
CA LEU B 415 7.71 -14.37 -13.81
C LEU B 415 9.08 -14.43 -13.24
N THR B 416 10.05 -14.16 -14.08
CA THR B 416 11.44 -14.05 -13.72
C THR B 416 11.72 -12.85 -12.91
N LYS B 417 11.15 -11.76 -13.24
CA LYS B 417 11.27 -10.58 -12.46
C LYS B 417 10.72 -10.67 -11.05
N ARG B 418 9.52 -11.20 -10.91
CA ARG B 418 8.92 -11.38 -9.64
C ARG B 418 9.43 -12.47 -8.74
N CYS B 419 9.70 -13.63 -9.27
CA CYS B 419 10.10 -14.73 -8.47
C CYS B 419 11.46 -15.29 -8.64
N LEU B 420 12.10 -15.04 -9.75
CA LEU B 420 13.19 -15.86 -10.22
C LEU B 420 14.55 -15.24 -10.43
N ARG B 421 14.68 -13.98 -10.14
CA ARG B 421 15.76 -13.14 -10.52
C ARG B 421 17.12 -13.50 -10.02
N SER B 422 17.22 -13.78 -8.77
CA SER B 422 18.40 -14.34 -8.21
C SER B 422 18.74 -15.75 -8.69
N TYR B 423 17.78 -16.62 -8.87
CA TYR B 423 18.02 -17.90 -9.46
C TYR B 423 18.56 -17.84 -10.85
N TRP B 424 18.04 -16.93 -11.65
CA TRP B 424 18.55 -16.66 -12.96
C TRP B 424 19.97 -16.06 -13.04
N SER B 425 20.33 -15.20 -12.12
CA SER B 425 21.65 -14.72 -11.95
C SER B 425 22.70 -15.74 -11.53
N ASP B 426 22.28 -16.66 -10.71
CA ASP B 426 23.11 -17.70 -10.20
C ASP B 426 23.35 -18.80 -11.16
N ARG B 427 22.70 -18.68 -12.29
CA ARG B 427 22.74 -19.57 -13.41
C ARG B 427 22.25 -20.97 -13.18
N LEU B 428 21.20 -21.01 -12.41
CA LEU B 428 20.51 -22.17 -12.01
C LEU B 428 19.39 -22.59 -12.91
N ILE B 429 18.97 -21.68 -13.77
CA ILE B 429 17.91 -21.90 -14.69
C ILE B 429 18.44 -21.82 -16.08
N ILE B 430 18.36 -22.87 -16.86
CA ILE B 430 18.53 -22.79 -18.29
C ILE B 430 17.43 -22.04 -18.99
N GLY B 431 16.21 -22.36 -18.65
CA GLY B 431 15.07 -21.63 -19.06
C GLY B 431 14.56 -21.85 -20.42
N PHE B 432 15.23 -21.35 -21.43
CA PHE B 432 14.80 -21.57 -22.75
C PHE B 432 15.38 -22.81 -23.37
N ILE B 433 14.69 -23.90 -23.28
CA ILE B 433 15.05 -25.18 -23.83
C ILE B 433 13.76 -25.95 -24.03
N SER B 434 13.65 -26.72 -25.09
CA SER B 434 12.47 -27.53 -25.32
C SER B 434 12.33 -28.76 -24.46
N LYS B 435 11.14 -29.29 -24.32
CA LYS B 435 10.93 -30.53 -23.63
C LYS B 435 11.60 -31.66 -24.33
N GLN B 436 11.60 -31.60 -25.62
CA GLN B 436 12.26 -32.52 -26.46
C GLN B 436 13.78 -32.64 -26.37
N TYR B 437 14.44 -31.52 -26.34
CA TYR B 437 15.84 -31.43 -26.16
C TYR B 437 16.29 -31.78 -24.76
N VAL B 438 15.41 -31.66 -23.81
CA VAL B 438 15.66 -31.99 -22.45
C VAL B 438 15.86 -33.47 -22.26
N THR B 439 15.12 -34.21 -23.03
CA THR B 439 15.15 -35.62 -23.03
C THR B 439 16.43 -36.17 -23.55
N SER B 440 16.97 -35.49 -24.52
CA SER B 440 18.25 -35.80 -25.02
C SER B 440 19.41 -35.52 -24.08
N LEU B 441 19.38 -34.37 -23.46
CA LEU B 441 20.35 -34.02 -22.47
C LEU B 441 20.33 -34.90 -21.26
N LEU B 442 19.14 -35.24 -20.82
CA LEU B 442 18.97 -35.90 -19.57
C LEU B 442 18.99 -37.41 -19.55
N LEU B 443 18.83 -38.05 -20.67
CA LEU B 443 18.75 -39.48 -20.68
C LEU B 443 19.98 -40.16 -20.21
N ASN B 444 21.15 -39.64 -20.54
CA ASN B 444 22.37 -40.25 -20.09
C ASN B 444 22.86 -39.85 -18.71
N GLU B 445 22.16 -38.98 -18.05
CA GLU B 445 22.55 -38.49 -16.77
C GLU B 445 22.21 -39.29 -15.55
N PRO B 446 22.95 -39.07 -14.49
CA PRO B 446 22.77 -39.82 -13.27
C PRO B 446 21.45 -39.61 -12.58
N ASP B 447 20.97 -40.57 -11.85
CA ASP B 447 19.66 -40.46 -11.29
C ASP B 447 19.56 -39.21 -10.42
N GLY B 448 18.52 -38.45 -10.59
CA GLY B 448 18.32 -37.27 -9.80
C GLY B 448 18.80 -35.94 -10.29
N THR B 449 19.19 -35.88 -11.54
CA THR B 449 19.77 -34.77 -12.24
C THR B 449 18.62 -34.04 -12.83
N PHE B 450 18.59 -32.74 -12.67
CA PHE B 450 17.48 -31.94 -13.06
C PHE B 450 17.85 -30.61 -13.62
N LEU B 451 16.93 -30.03 -14.34
CA LEU B 451 17.12 -28.74 -14.91
C LEU B 451 15.87 -27.94 -14.73
N LEU B 452 15.97 -26.63 -14.87
CA LEU B 452 14.83 -25.76 -14.79
C LEU B 452 14.54 -25.05 -16.08
N ARG B 453 13.35 -25.21 -16.62
CA ARG B 453 12.92 -24.56 -17.81
C ARG B 453 11.67 -23.75 -17.66
N PHE B 454 11.46 -22.84 -18.56
CA PHE B 454 10.20 -22.24 -18.75
C PHE B 454 9.21 -23.11 -19.44
N SER B 455 7.96 -23.04 -19.01
CA SER B 455 6.88 -23.73 -19.64
C SER B 455 6.53 -23.20 -21.03
N ASP B 456 6.55 -24.05 -22.01
CA ASP B 456 6.13 -23.73 -23.32
C ASP B 456 4.64 -23.50 -23.52
N SER B 457 3.84 -24.06 -22.66
CA SER B 457 2.43 -24.22 -22.80
C SER B 457 1.54 -23.33 -22.01
N GLU B 458 2.08 -22.73 -20.99
CA GLU B 458 1.41 -21.69 -20.25
C GLU B 458 2.18 -20.42 -20.10
N ILE B 459 1.52 -19.37 -19.72
CA ILE B 459 2.13 -18.11 -19.44
C ILE B 459 2.68 -17.99 -18.03
N GLY B 460 3.87 -17.46 -17.91
CA GLY B 460 4.53 -17.40 -16.64
C GLY B 460 4.70 -18.67 -15.84
N GLY B 461 5.34 -19.64 -16.44
CA GLY B 461 5.62 -20.90 -15.85
C GLY B 461 7.02 -21.41 -15.90
N ILE B 462 7.45 -21.96 -14.79
CA ILE B 462 8.67 -22.70 -14.68
C ILE B 462 8.42 -24.12 -14.23
N THR B 463 8.99 -25.04 -14.95
CA THR B 463 8.92 -26.42 -14.64
C THR B 463 10.25 -27.09 -14.32
N ILE B 464 10.18 -28.17 -13.58
CA ILE B 464 11.25 -29.10 -13.32
C ILE B 464 11.21 -30.30 -14.26
N ALA B 465 12.31 -30.52 -14.93
CA ALA B 465 12.55 -31.67 -15.74
C ALA B 465 13.63 -32.42 -15.05
N HIS B 466 13.47 -33.71 -14.99
CA HIS B 466 14.45 -34.52 -14.34
C HIS B 466 14.55 -36.00 -14.73
N VAL B 467 15.71 -36.58 -14.54
CA VAL B 467 15.91 -37.97 -14.84
C VAL B 467 15.88 -38.86 -13.61
N ILE B 468 15.11 -39.92 -13.74
CA ILE B 468 14.92 -40.96 -12.77
C ILE B 468 15.46 -42.25 -13.36
N ARG B 469 16.38 -42.92 -12.69
CA ARG B 469 16.84 -44.21 -13.07
C ARG B 469 17.14 -45.13 -11.90
N GLY B 470 16.67 -46.36 -11.99
CA GLY B 470 16.93 -47.39 -11.03
C GLY B 470 18.07 -48.31 -11.29
N GLN B 471 18.15 -49.34 -10.48
CA GLN B 471 19.17 -50.37 -10.57
C GLN B 471 19.08 -51.26 -11.78
N ASP B 472 17.96 -51.26 -12.44
CA ASP B 472 17.87 -51.89 -13.74
C ASP B 472 18.55 -51.04 -14.80
N GLY B 473 18.78 -49.78 -14.47
CA GLY B 473 19.52 -48.89 -15.29
C GLY B 473 18.79 -48.22 -16.40
N SER B 474 17.50 -48.23 -16.33
CA SER B 474 16.73 -47.69 -17.38
C SER B 474 16.24 -46.35 -16.94
N PRO B 475 16.61 -45.34 -17.69
CA PRO B 475 16.15 -43.99 -17.43
C PRO B 475 14.75 -43.71 -17.86
N GLN B 476 14.04 -42.97 -17.05
CA GLN B 476 12.81 -42.29 -17.39
C GLN B 476 12.94 -40.81 -17.07
N ILE B 477 12.39 -39.97 -17.92
CA ILE B 477 12.33 -38.55 -17.70
C ILE B 477 10.98 -38.17 -17.21
N GLU B 478 10.93 -37.35 -16.19
CA GLU B 478 9.72 -36.85 -15.63
C GLU B 478 9.68 -35.34 -15.69
N ASN B 479 8.57 -34.78 -16.11
CA ASN B 479 8.37 -33.36 -16.09
C ASN B 479 7.30 -33.00 -15.14
N ILE B 480 7.70 -32.30 -14.11
CA ILE B 480 6.84 -31.75 -13.14
C ILE B 480 6.12 -30.58 -13.65
N GLN B 481 4.90 -30.42 -13.25
CA GLN B 481 4.05 -29.44 -13.79
C GLN B 481 4.58 -28.09 -13.49
N PRO B 482 4.39 -27.17 -14.39
CA PRO B 482 4.92 -25.84 -14.20
C PRO B 482 4.41 -25.08 -13.01
N PHE B 483 5.30 -24.44 -12.30
CA PHE B 483 4.90 -23.46 -11.32
C PHE B 483 4.72 -22.02 -11.77
N SER B 484 3.74 -21.38 -11.19
CA SER B 484 3.45 -19.98 -11.40
C SER B 484 3.97 -19.07 -10.34
N ALA B 485 3.75 -17.80 -10.54
CA ALA B 485 4.07 -16.77 -9.63
C ALA B 485 3.40 -16.86 -8.31
N LYS B 486 2.14 -17.24 -8.32
CA LYS B 486 1.40 -17.53 -7.17
C LYS B 486 1.85 -18.74 -6.42
N ASP B 487 2.19 -19.78 -7.12
CA ASP B 487 2.69 -20.98 -6.53
C ASP B 487 3.97 -20.73 -5.86
N LEU B 488 4.76 -19.88 -6.47
CA LEU B 488 6.06 -19.48 -5.96
C LEU B 488 6.05 -18.56 -4.76
N SER B 489 4.99 -17.84 -4.54
CA SER B 489 4.73 -17.17 -3.30
C SER B 489 4.50 -18.04 -2.11
N ILE B 490 3.69 -19.06 -2.30
CA ILE B 490 3.33 -20.00 -1.30
C ILE B 490 4.56 -20.72 -0.81
N ARG B 491 5.34 -21.21 -1.75
CA ARG B 491 6.58 -21.82 -1.47
C ARG B 491 7.45 -21.47 -2.61
N SER B 492 8.68 -21.17 -2.30
CA SER B 492 9.60 -20.70 -3.27
C SER B 492 10.11 -21.81 -4.17
N LEU B 493 10.76 -21.50 -5.28
CA LEU B 493 11.32 -22.57 -6.10
C LEU B 493 12.32 -23.38 -5.34
N GLY B 494 13.20 -22.74 -4.64
CA GLY B 494 14.24 -23.42 -3.95
C GLY B 494 13.83 -24.39 -2.88
N ASP B 495 12.79 -24.03 -2.16
CA ASP B 495 12.16 -24.87 -1.19
C ASP B 495 11.53 -26.08 -1.70
N ARG B 496 10.86 -25.94 -2.81
CA ARG B 496 10.25 -27.01 -3.52
C ARG B 496 11.22 -28.00 -4.04
N ILE B 497 12.38 -27.55 -4.46
CA ILE B 497 13.50 -28.36 -4.92
C ILE B 497 14.11 -29.20 -3.82
N ARG B 498 14.25 -28.61 -2.66
CA ARG B 498 14.63 -29.30 -1.45
C ARG B 498 13.68 -30.30 -0.87
N ASP B 499 12.42 -30.01 -1.00
CA ASP B 499 11.35 -30.82 -0.53
C ASP B 499 11.39 -32.14 -1.20
N LEU B 500 12.04 -32.19 -2.33
CA LEU B 500 12.09 -33.38 -3.09
C LEU B 500 13.38 -34.11 -2.97
N ALA B 501 13.33 -35.26 -2.35
CA ALA B 501 14.45 -36.12 -2.14
C ALA B 501 15.02 -36.79 -3.36
N GLN B 502 14.19 -36.94 -4.38
CA GLN B 502 14.50 -37.46 -5.70
C GLN B 502 15.49 -36.60 -6.44
N LEU B 503 15.46 -35.34 -6.13
CA LEU B 503 16.28 -34.36 -6.72
C LEU B 503 17.60 -34.26 -6.03
N LYS B 504 18.67 -34.53 -6.72
CA LYS B 504 19.97 -34.53 -6.14
C LYS B 504 20.95 -33.49 -6.71
N ASN B 505 21.18 -33.50 -7.99
CA ASN B 505 22.05 -32.55 -8.63
C ASN B 505 21.43 -31.83 -9.77
N LEU B 506 21.59 -30.53 -9.81
CA LEU B 506 21.25 -29.76 -10.95
C LEU B 506 22.25 -29.93 -12.05
N TYR B 507 21.79 -30.05 -13.27
CA TYR B 507 22.60 -30.27 -14.42
C TYR B 507 23.58 -29.17 -14.65
N PRO B 508 24.83 -29.50 -14.93
CA PRO B 508 25.30 -30.87 -14.85
C PRO B 508 26.06 -31.12 -13.60
N LYS B 509 25.55 -31.96 -12.75
CA LYS B 509 26.12 -32.23 -11.45
C LYS B 509 26.39 -31.14 -10.42
N LYS B 510 25.55 -30.16 -10.31
CA LYS B 510 25.69 -29.17 -9.27
C LYS B 510 24.78 -29.60 -8.13
N PRO B 511 25.37 -29.97 -7.02
CA PRO B 511 24.61 -30.50 -5.88
C PRO B 511 23.56 -29.58 -5.35
N LYS B 512 22.37 -30.08 -5.19
CA LYS B 512 21.21 -29.26 -5.07
C LYS B 512 21.29 -28.37 -3.87
N ASP B 513 22.01 -28.83 -2.86
CA ASP B 513 22.32 -28.08 -1.68
C ASP B 513 23.31 -26.95 -1.75
N GLU B 514 24.31 -27.07 -2.59
CA GLU B 514 25.12 -25.96 -2.94
C GLU B 514 24.40 -24.89 -3.68
N ALA B 515 23.71 -25.28 -4.73
CA ALA B 515 23.04 -24.42 -5.67
C ALA B 515 21.91 -23.69 -5.10
N PHE B 516 21.19 -24.35 -4.25
CA PHE B 516 20.08 -23.71 -3.61
C PHE B 516 20.33 -23.43 -2.13
N ARG B 517 20.16 -22.17 -1.80
CA ARG B 517 20.51 -21.54 -0.54
C ARG B 517 20.73 -22.45 0.63
N GLY B 529 9.00 -31.80 23.13
CA GLY B 529 9.23 -30.44 22.70
C GLY B 529 8.08 -29.89 21.91
N ARG B 530 7.01 -29.55 22.58
CA ARG B 530 6.83 -29.62 24.01
C ARG B 530 6.04 -30.84 24.36
N GLY B 531 5.93 -31.73 23.42
CA GLY B 531 5.06 -32.83 23.55
C GLY B 531 4.16 -32.79 22.37
N VAL B 533 3.90 -33.73 18.11
CA VAL B 533 4.56 -34.34 16.96
C VAL B 533 4.81 -33.37 15.85
N PRO B 534 5.96 -33.44 15.24
CA PRO B 534 6.29 -32.53 14.18
C PRO B 534 5.47 -32.75 12.95
N ALA B 535 5.07 -31.65 12.35
CA ALA B 535 4.38 -31.68 11.11
C ALA B 535 5.24 -30.88 10.19
N THR B 536 5.36 -31.28 8.95
CA THR B 536 6.04 -30.47 7.93
C THR B 536 5.28 -30.29 6.66
N ILE B 537 5.59 -29.23 5.94
CA ILE B 537 5.02 -28.95 4.65
C ILE B 537 6.09 -29.19 3.55
N LYS B 538 5.78 -30.05 2.60
CA LYS B 538 6.63 -30.47 1.51
C LYS B 538 5.88 -30.46 0.26
N MET B 539 6.47 -30.00 -0.82
CA MET B 539 5.93 -30.25 -2.13
C MET B 539 5.98 -31.72 -2.48
N THR B 540 4.92 -32.20 -3.09
CA THR B 540 4.66 -33.59 -3.30
C THR B 540 4.29 -33.91 -4.75
N VAL B 541 4.95 -34.87 -5.31
CA VAL B 541 4.67 -35.24 -6.63
C VAL B 541 3.82 -36.47 -6.56
N GLU B 542 2.74 -36.50 -7.32
CA GLU B 542 1.94 -37.68 -7.48
C GLU B 542 2.63 -38.70 -8.36
#